data_2G7U
#
_entry.id   2G7U
#
_cell.length_a   96.407
_cell.length_b   186.520
_cell.length_c   126.360
_cell.angle_alpha   90.00
_cell.angle_beta   90.00
_cell.angle_gamma   90.00
#
_symmetry.space_group_name_H-M   'C 2 2 21'
#
loop_
_entity.id
_entity.type
_entity.pdbx_description
1 polymer 'transcriptional regulator'
2 water water
#
_entity_poly.entity_id   1
_entity_poly.type   'polypeptide(L)'
_entity_poly.pdbx_seq_one_letter_code
;GMTESDRDYIQSIERGFAVLLAFDAQRPNPTLAELATEAGLSRPAVRRILLTLQKLGYVAGSGGRWSLTPRVLSIGQHYS
ESHALIEAA(MSE)PRLLEVAEKTQESASLGVLDGADVVYAARVPVRRI(MSE)SINVSVGTRVPAYATS(MSE)GRALL
AWAPADVVERVVAESTFQKLGPETIGTAAELERELAKVREQGFALTSEELEKGLISLAAPVHDAGGTVVGVVACSTSSAR
NTPAQFREQAVPCVLAAAAALSAD(MSE)GFAG
;
_entity_poly.pdbx_strand_id   A,B,C,D
#
# COMPACT_ATOMS: atom_id res chain seq x y z
N ASP A 6 -41.57 -11.31 -16.28
CA ASP A 6 -40.26 -10.81 -16.82
C ASP A 6 -39.27 -11.95 -17.18
N ARG A 7 -38.94 -12.06 -18.47
CA ARG A 7 -37.85 -12.92 -18.88
C ARG A 7 -36.60 -12.26 -18.35
N ASP A 8 -35.70 -13.10 -17.83
CA ASP A 8 -34.45 -12.66 -17.26
C ASP A 8 -33.31 -13.01 -18.21
N TYR A 9 -33.64 -13.36 -19.45
CA TYR A 9 -32.62 -13.78 -20.39
C TYR A 9 -32.75 -13.24 -21.81
N ILE A 10 -31.71 -12.55 -22.27
CA ILE A 10 -31.69 -12.02 -23.64
C ILE A 10 -30.73 -12.84 -24.50
N GLN A 11 -31.31 -13.75 -25.29
CA GLN A 11 -30.54 -14.67 -26.13
C GLN A 11 -29.58 -13.98 -27.10
N SER A 12 -30.04 -12.91 -27.76
CA SER A 12 -29.21 -12.28 -28.78
C SER A 12 -27.94 -11.64 -28.21
N ILE A 13 -27.94 -11.35 -26.92
CA ILE A 13 -26.75 -10.86 -26.23
C ILE A 13 -25.74 -12.02 -26.10
N GLU A 14 -26.22 -13.18 -25.67
CA GLU A 14 -25.42 -14.41 -25.67
C GLU A 14 -24.82 -14.70 -27.06
N ARG A 15 -25.62 -14.55 -28.10
CA ARG A 15 -25.20 -14.84 -29.47
C ARG A 15 -24.18 -13.80 -29.96
N GLY A 16 -24.35 -12.56 -29.54
CA GLY A 16 -23.40 -11.51 -29.88
C GLY A 16 -22.03 -11.86 -29.34
N PHE A 17 -21.99 -12.30 -28.09
CA PHE A 17 -20.73 -12.68 -27.50
C PHE A 17 -20.18 -13.94 -28.12
N ALA A 18 -21.06 -14.87 -28.47
CA ALA A 18 -20.60 -16.12 -29.08
C ALA A 18 -19.88 -15.83 -30.39
N VAL A 19 -20.41 -14.85 -31.15
CA VAL A 19 -19.78 -14.42 -32.40
C VAL A 19 -18.42 -13.70 -32.15
N LEU A 20 -18.36 -12.80 -31.16
CA LEU A 20 -17.13 -12.08 -30.85
C LEU A 20 -16.03 -13.03 -30.42
N LEU A 21 -16.41 -14.06 -29.67
CA LEU A 21 -15.47 -15.00 -29.10
C LEU A 21 -15.00 -16.03 -30.11
N ALA A 22 -15.70 -16.12 -31.24
CA ALA A 22 -15.30 -17.03 -32.32
C ALA A 22 -14.04 -16.56 -33.05
N PHE A 23 -13.70 -15.27 -32.93
CA PHE A 23 -12.43 -14.73 -33.45
C PHE A 23 -11.30 -15.04 -32.49
N ASP A 24 -10.25 -15.69 -32.99
CA ASP A 24 -9.10 -15.98 -32.17
C ASP A 24 -7.87 -16.31 -33.03
N ALA A 25 -6.85 -16.91 -32.43
CA ALA A 25 -5.62 -17.22 -33.16
C ALA A 25 -5.88 -18.15 -34.33
N GLN A 26 -6.88 -19.01 -34.18
CA GLN A 26 -7.24 -19.95 -35.24
C GLN A 26 -8.16 -19.33 -36.29
N ARG A 27 -8.96 -18.33 -35.90
CA ARG A 27 -9.83 -17.60 -36.83
C ARG A 27 -9.49 -16.09 -36.72
N PRO A 28 -8.35 -15.65 -37.27
CA PRO A 28 -8.10 -14.22 -37.18
C PRO A 28 -8.94 -13.38 -38.16
N ASN A 29 -9.30 -13.94 -39.32
CA ASN A 29 -9.98 -13.21 -40.42
C ASN A 29 -11.00 -14.15 -41.08
N PRO A 30 -11.93 -14.69 -40.27
CA PRO A 30 -12.72 -15.81 -40.75
C PRO A 30 -13.92 -15.38 -41.59
N THR A 31 -14.44 -16.33 -42.37
CA THR A 31 -15.62 -16.12 -43.17
C THR A 31 -16.86 -16.26 -42.26
N LEU A 32 -18.04 -15.97 -42.81
CA LEU A 32 -19.28 -16.12 -42.09
C LEU A 32 -19.48 -17.57 -41.64
N ALA A 33 -19.23 -18.53 -42.56
CA ALA A 33 -19.43 -19.95 -42.28
C ALA A 33 -18.55 -20.49 -41.16
N GLU A 34 -17.30 -20.04 -41.13
CA GLU A 34 -16.36 -20.39 -40.07
C GLU A 34 -16.81 -19.86 -38.71
N LEU A 35 -17.29 -18.62 -38.70
CA LEU A 35 -17.84 -17.99 -37.47
C LEU A 35 -19.12 -18.66 -36.96
N ALA A 36 -20.05 -18.93 -37.88
CA ALA A 36 -21.33 -19.57 -37.55
C ALA A 36 -21.13 -20.99 -37.01
N THR A 37 -20.20 -21.71 -37.63
CA THR A 37 -19.82 -23.05 -37.18
C THR A 37 -19.20 -23.03 -35.77
N GLU A 38 -18.30 -22.09 -35.52
CA GLU A 38 -17.67 -22.00 -34.23
C GLU A 38 -18.68 -21.56 -33.16
N ALA A 39 -19.56 -20.62 -33.50
CA ALA A 39 -20.51 -20.07 -32.52
C ALA A 39 -21.67 -21.02 -32.28
N GLY A 40 -21.86 -22.00 -33.17
CA GLY A 40 -22.96 -22.94 -33.03
C GLY A 40 -24.28 -22.32 -33.47
N LEU A 41 -24.20 -21.39 -34.43
CA LEU A 41 -25.38 -20.65 -34.88
C LEU A 41 -25.61 -20.78 -36.38
N SER A 42 -26.82 -20.46 -36.82
CA SER A 42 -27.11 -20.43 -38.25
C SER A 42 -26.44 -19.22 -38.88
N ARG A 43 -26.12 -19.33 -40.16
CA ARG A 43 -25.48 -18.23 -40.89
C ARG A 43 -26.34 -16.97 -40.97
N PRO A 44 -27.66 -17.09 -41.26
CA PRO A 44 -28.48 -15.89 -41.20
C PRO A 44 -28.43 -15.16 -39.86
N ALA A 45 -28.38 -15.91 -38.76
CA ALA A 45 -28.37 -15.31 -37.42
C ALA A 45 -27.05 -14.58 -37.22
N VAL A 46 -25.96 -15.25 -37.56
CA VAL A 46 -24.62 -14.70 -37.44
C VAL A 46 -24.44 -13.48 -38.38
N ARG A 47 -24.96 -13.56 -39.59
CA ARG A 47 -24.94 -12.42 -40.52
C ARG A 47 -25.53 -11.15 -39.88
N ARG A 48 -26.75 -11.30 -39.34
CA ARG A 48 -27.44 -10.22 -38.65
C ARG A 48 -26.66 -9.66 -37.45
N ILE A 49 -25.97 -10.54 -36.70
CA ILE A 49 -25.18 -10.14 -35.54
C ILE A 49 -23.92 -9.39 -35.98
N LEU A 50 -23.24 -9.91 -37.01
CA LEU A 50 -22.07 -9.24 -37.59
C LEU A 50 -22.38 -7.82 -38.07
N LEU A 51 -23.48 -7.66 -38.79
CA LEU A 51 -23.93 -6.34 -39.23
C LEU A 51 -24.23 -5.39 -38.08
N THR A 52 -24.80 -5.90 -37.00
CA THR A 52 -24.99 -5.08 -35.80
C THR A 52 -23.63 -4.73 -35.15
N LEU A 53 -22.75 -5.73 -35.03
CA LEU A 53 -21.45 -5.51 -34.42
C LEU A 53 -20.60 -4.55 -35.26
N GLN A 54 -20.76 -4.65 -36.59
CA GLN A 54 -20.13 -3.71 -37.54
C GLN A 54 -20.59 -2.27 -37.31
N LYS A 55 -21.89 -2.06 -37.19
CA LYS A 55 -22.48 -0.74 -36.92
C LYS A 55 -21.97 -0.14 -35.60
N LEU A 56 -21.80 -1.01 -34.61
CA LEU A 56 -21.27 -0.63 -33.30
C LEU A 56 -19.74 -0.43 -33.31
N GLY A 57 -19.07 -0.83 -34.39
CA GLY A 57 -17.63 -0.62 -34.54
C GLY A 57 -16.75 -1.71 -33.96
N TYR A 58 -17.32 -2.89 -33.68
CA TYR A 58 -16.59 -3.97 -33.03
C TYR A 58 -15.97 -4.96 -33.98
N VAL A 59 -16.56 -5.11 -35.17
CA VAL A 59 -15.98 -5.93 -36.22
C VAL A 59 -15.90 -5.11 -37.51
N ALA A 60 -15.12 -5.59 -38.48
CA ALA A 60 -15.06 -4.99 -39.79
C ALA A 60 -15.14 -6.12 -40.78
N GLY A 61 -15.88 -5.91 -41.85
CA GLY A 61 -16.16 -6.93 -42.82
C GLY A 61 -15.70 -6.47 -44.18
N SER A 62 -15.18 -7.42 -44.96
CA SER A 62 -14.68 -7.14 -46.29
C SER A 62 -14.45 -8.46 -47.03
N GLY A 63 -14.99 -8.55 -48.24
CA GLY A 63 -14.77 -9.69 -49.12
C GLY A 63 -15.25 -11.04 -48.58
N GLY A 64 -16.27 -11.02 -47.74
CA GLY A 64 -16.81 -12.24 -47.14
C GLY A 64 -16.09 -12.68 -45.89
N ARG A 65 -15.18 -11.84 -45.40
CA ARG A 65 -14.43 -12.13 -44.20
C ARG A 65 -14.57 -11.01 -43.19
N TRP A 66 -14.27 -11.31 -41.94
CA TRP A 66 -14.53 -10.42 -40.84
C TRP A 66 -13.32 -10.36 -39.90
N SER A 67 -13.16 -9.24 -39.20
CA SER A 67 -12.12 -9.06 -38.19
C SER A 67 -12.66 -8.30 -37.00
N LEU A 68 -12.10 -8.57 -35.82
CA LEU A 68 -12.31 -7.73 -34.65
C LEU A 68 -11.54 -6.43 -34.88
N THR A 69 -12.17 -5.28 -34.57
CA THR A 69 -11.47 -4.00 -34.55
C THR A 69 -10.89 -3.86 -33.12
N PRO A 70 -10.03 -2.85 -32.90
CA PRO A 70 -9.50 -2.63 -31.54
C PRO A 70 -10.52 -2.22 -30.48
N ARG A 71 -11.74 -1.91 -30.89
CA ARG A 71 -12.75 -1.40 -29.97
C ARG A 71 -13.06 -2.27 -28.77
N VAL A 72 -13.00 -3.59 -28.94
CA VAL A 72 -13.20 -4.50 -27.81
C VAL A 72 -12.19 -4.32 -26.68
N LEU A 73 -11.04 -3.72 -26.99
CA LEU A 73 -9.95 -3.52 -26.02
C LEU A 73 -10.37 -2.52 -24.95
N SER A 74 -11.25 -1.61 -25.35
CA SER A 74 -11.69 -0.54 -24.47
C SER A 74 -12.69 -1.00 -23.39
N ILE A 75 -13.31 -2.18 -23.57
CA ILE A 75 -14.16 -2.76 -22.53
C ILE A 75 -13.40 -3.08 -21.22
N GLY A 76 -12.27 -3.76 -21.31
CA GLY A 76 -11.50 -4.08 -20.11
C GLY A 76 -11.06 -2.91 -19.23
N GLN A 77 -10.91 -1.72 -19.81
CA GLN A 77 -10.48 -0.56 -19.03
C GLN A 77 -11.55 -0.01 -18.05
N HIS A 78 -12.77 -0.54 -18.13
CA HIS A 78 -13.83 -0.21 -17.18
C HIS A 78 -13.74 -1.11 -15.92
N TYR A 79 -12.62 -1.83 -15.81
CA TYR A 79 -12.37 -2.81 -14.76
C TYR A 79 -10.97 -2.63 -14.15
N SER A 80 -10.89 -2.73 -12.82
CA SER A 80 -9.61 -2.93 -12.11
C SER A 80 -9.53 -4.37 -11.62
N GLU A 81 -8.73 -5.18 -12.30
CA GLU A 81 -8.54 -6.56 -11.89
C GLU A 81 -7.75 -6.64 -10.59
N SER A 82 -6.82 -5.70 -10.40
CA SER A 82 -5.99 -5.73 -9.22
C SER A 82 -6.84 -5.48 -7.99
N HIS A 83 -7.74 -4.50 -8.05
CA HIS A 83 -8.68 -4.29 -6.95
C HIS A 83 -9.47 -5.56 -6.69
N ALA A 84 -9.95 -6.22 -7.75
CA ALA A 84 -10.81 -7.39 -7.57
C ALA A 84 -10.06 -8.57 -6.96
N LEU A 85 -8.84 -8.80 -7.42
CA LEU A 85 -7.97 -9.87 -6.93
C LEU A 85 -7.70 -9.71 -5.43
N ILE A 86 -7.42 -8.47 -5.01
CA ILE A 86 -7.18 -8.14 -3.60
C ILE A 86 -8.37 -8.52 -2.73
N GLU A 87 -9.56 -8.12 -3.16
CA GLU A 87 -10.80 -8.41 -2.45
C GLU A 87 -11.03 -9.91 -2.31
N ALA A 88 -10.98 -10.63 -3.44
CA ALA A 88 -11.11 -12.10 -3.47
C ALA A 88 -10.00 -12.81 -2.66
N ALA A 89 -8.79 -12.23 -2.66
CA ALA A 89 -7.66 -12.82 -1.95
C ALA A 89 -7.88 -12.97 -0.44
N MSE A 90 -8.46 -11.93 0.19
CA MSE A 90 -8.53 -11.83 1.65
C MSE A 90 -8.95 -13.11 2.40
O MSE A 90 -8.24 -13.53 3.32
CB MSE A 90 -9.39 -10.63 2.10
CG MSE A 90 -8.86 -9.30 1.63
SE MSE A 90 -6.99 -9.03 2.14
CE MSE A 90 -7.16 -8.88 4.15
N PRO A 91 -10.11 -13.71 2.05
CA PRO A 91 -10.50 -14.98 2.69
C PRO A 91 -9.51 -16.13 2.49
N ARG A 92 -8.90 -16.22 1.31
CA ARG A 92 -7.95 -17.28 0.98
C ARG A 92 -6.65 -17.09 1.77
N LEU A 93 -6.23 -15.85 1.94
CA LEU A 93 -5.04 -15.56 2.70
C LEU A 93 -5.28 -15.90 4.17
N LEU A 94 -6.47 -15.57 4.69
CA LEU A 94 -6.80 -15.93 6.09
C LEU A 94 -6.72 -17.46 6.30
N GLU A 95 -7.20 -18.23 5.33
CA GLU A 95 -7.11 -19.69 5.37
C GLU A 95 -5.66 -20.11 5.50
N VAL A 96 -4.79 -19.53 4.67
CA VAL A 96 -3.36 -19.86 4.70
C VAL A 96 -2.70 -19.52 6.04
N ALA A 97 -2.96 -18.31 6.56
CA ALA A 97 -2.47 -17.89 7.88
C ALA A 97 -2.90 -18.80 9.03
N GLU A 98 -4.12 -19.33 8.95
CA GLU A 98 -4.66 -20.20 10.01
C GLU A 98 -4.05 -21.61 9.97
N LYS A 99 -3.88 -22.16 8.77
CA LYS A 99 -3.29 -23.48 8.60
C LYS A 99 -1.76 -23.51 8.81
N THR A 100 -1.07 -22.44 8.44
CA THR A 100 0.40 -22.42 8.52
C THR A 100 0.93 -21.73 9.77
N GLN A 101 0.10 -20.86 10.35
CA GLN A 101 0.52 -20.03 11.47
C GLN A 101 1.58 -19.03 10.99
N GLU A 102 1.49 -18.62 9.73
CA GLU A 102 2.42 -17.65 9.15
C GLU A 102 1.66 -16.60 8.36
N SER A 103 2.15 -15.36 8.36
CA SER A 103 1.51 -14.30 7.58
C SER A 103 1.42 -14.73 6.13
N ALA A 104 0.23 -14.53 5.57
CA ALA A 104 -0.06 -14.91 4.20
C ALA A 104 -0.24 -13.64 3.35
N SER A 105 0.36 -13.65 2.17
CA SER A 105 0.30 -12.50 1.28
C SER A 105 -0.11 -12.82 -0.14
N LEU A 106 -0.67 -11.82 -0.82
CA LEU A 106 -0.83 -11.81 -2.28
C LEU A 106 0.24 -10.92 -2.82
N GLY A 107 0.99 -11.44 -3.80
CA GLY A 107 1.99 -10.68 -4.51
C GLY A 107 1.57 -10.41 -5.95
N VAL A 108 1.95 -9.24 -6.48
CA VAL A 108 1.74 -8.94 -7.88
C VAL A 108 3.02 -8.36 -8.47
N LEU A 109 3.18 -8.48 -9.77
CA LEU A 109 4.37 -8.01 -10.42
C LEU A 109 4.23 -6.55 -10.78
N ASP A 110 5.26 -5.78 -10.46
CA ASP A 110 5.34 -4.42 -10.95
C ASP A 110 6.75 -4.15 -11.44
N GLY A 111 6.98 -4.34 -12.74
CA GLY A 111 8.30 -4.19 -13.33
C GLY A 111 9.21 -5.32 -12.87
N ALA A 112 10.27 -4.97 -12.12
CA ALA A 112 11.24 -5.96 -11.60
C ALA A 112 11.00 -6.29 -10.13
N ASP A 113 9.97 -5.67 -9.57
CA ASP A 113 9.64 -5.84 -8.18
C ASP A 113 8.40 -6.67 -8.08
N VAL A 114 8.23 -7.31 -6.92
CA VAL A 114 6.96 -7.82 -6.49
C VAL A 114 6.45 -6.87 -5.41
N VAL A 115 5.15 -6.58 -5.47
CA VAL A 115 4.48 -5.74 -4.46
C VAL A 115 3.62 -6.68 -3.60
N TYR A 116 3.69 -6.51 -2.29
CA TYR A 116 2.71 -7.12 -1.39
C TYR A 116 1.39 -6.37 -1.53
N ALA A 117 0.47 -6.91 -2.34
CA ALA A 117 -0.80 -6.25 -2.67
C ALA A 117 -1.81 -6.38 -1.54
N ALA A 118 -1.77 -7.51 -0.84
CA ALA A 118 -2.69 -7.83 0.23
C ALA A 118 -1.95 -8.69 1.23
N ARG A 119 -2.39 -8.65 2.48
CA ARG A 119 -1.70 -9.35 3.55
C ARG A 119 -2.61 -9.73 4.73
N VAL A 120 -2.48 -10.96 5.23
CA VAL A 120 -3.08 -11.35 6.52
C VAL A 120 -1.96 -11.73 7.52
N PRO A 121 -1.65 -10.81 8.45
CA PRO A 121 -0.50 -11.05 9.33
C PRO A 121 -0.88 -11.91 10.52
N VAL A 122 0.08 -12.67 11.04
CA VAL A 122 -0.05 -13.31 12.37
C VAL A 122 0.74 -12.51 13.43
N ARG A 123 0.49 -12.79 14.71
CA ARG A 123 1.09 -12.04 15.82
C ARG A 123 2.22 -12.83 16.49
N ARG A 124 3.46 -12.31 16.38
CA ARG A 124 4.64 -12.86 17.07
C ARG A 124 5.49 -11.70 17.59
N ILE A 125 6.17 -11.92 18.73
CA ILE A 125 7.07 -10.92 19.27
C ILE A 125 8.22 -10.68 18.29
N MSE A 126 8.94 -11.76 17.98
CA MSE A 126 9.92 -11.75 16.88
C MSE A 126 9.20 -12.06 15.55
O MSE A 126 8.80 -13.21 15.30
CB MSE A 126 11.04 -12.73 17.18
CG MSE A 126 12.10 -12.87 16.11
SE MSE A 126 13.10 -11.20 15.73
CE MSE A 126 14.03 -10.92 17.39
N SER A 127 9.02 -11.04 14.70
CA SER A 127 8.11 -11.15 13.55
C SER A 127 8.72 -10.94 12.19
N ILE A 128 8.01 -11.42 11.17
CA ILE A 128 8.38 -11.14 9.79
C ILE A 128 7.56 -9.92 9.27
N ASN A 129 8.27 -8.80 9.07
CA ASN A 129 7.65 -7.47 8.98
C ASN A 129 7.52 -6.95 7.57
N VAL A 130 6.28 -6.88 7.10
CA VAL A 130 5.95 -6.42 5.77
C VAL A 130 4.60 -5.74 5.88
N SER A 131 4.47 -4.55 5.31
CA SER A 131 3.17 -3.92 5.17
C SER A 131 2.74 -3.98 3.68
N VAL A 132 1.45 -3.86 3.41
CA VAL A 132 0.94 -3.76 2.03
C VAL A 132 1.69 -2.62 1.32
N GLY A 133 2.08 -2.84 0.07
CA GLY A 133 2.79 -1.82 -0.69
C GLY A 133 4.29 -2.04 -0.64
N THR A 134 4.75 -2.90 0.27
CA THR A 134 6.15 -3.24 0.32
C THR A 134 6.55 -3.91 -1.01
N ARG A 135 7.71 -3.50 -1.54
CA ARG A 135 8.28 -4.10 -2.74
C ARG A 135 9.55 -4.88 -2.42
N VAL A 136 9.70 -6.05 -3.05
CA VAL A 136 10.88 -6.91 -2.92
C VAL A 136 11.25 -7.35 -4.35
N PRO A 137 12.55 -7.60 -4.61
CA PRO A 137 12.89 -7.85 -5.99
C PRO A 137 12.40 -9.22 -6.44
N ALA A 138 11.88 -9.25 -7.66
CA ALA A 138 11.44 -10.48 -8.29
C ALA A 138 12.55 -11.54 -8.43
N TYR A 139 13.78 -11.11 -8.71
CA TYR A 139 14.86 -12.04 -8.99
C TYR A 139 15.29 -12.83 -7.72
N ALA A 140 15.03 -12.28 -6.53
CA ALA A 140 15.52 -12.86 -5.29
C ALA A 140 14.43 -13.57 -4.45
N THR A 141 13.21 -13.70 -4.97
CA THR A 141 12.09 -14.14 -4.14
C THR A 141 11.27 -15.21 -4.78
N SER A 142 10.72 -16.10 -3.95
CA SER A 142 9.71 -17.07 -4.35
C SER A 142 8.57 -16.43 -5.13
N MSE A 143 8.05 -15.30 -4.64
CA MSE A 143 6.94 -14.62 -5.31
C MSE A 143 7.34 -14.18 -6.70
O MSE A 143 6.65 -14.45 -7.64
CB MSE A 143 6.43 -13.42 -4.49
CG MSE A 143 5.85 -13.79 -3.13
SE MSE A 143 5.16 -12.18 -2.17
CE MSE A 143 6.78 -11.26 -2.02
N GLY A 144 8.49 -13.52 -6.82
CA GLY A 144 9.06 -13.18 -8.13
C GLY A 144 9.16 -14.38 -9.05
N ARG A 145 9.75 -15.47 -8.54
CA ARG A 145 9.95 -16.62 -9.41
C ARG A 145 8.64 -17.27 -9.85
N ALA A 146 7.66 -17.32 -8.97
CA ALA A 146 6.35 -17.89 -9.34
C ALA A 146 5.58 -16.92 -10.24
N LEU A 147 5.86 -15.63 -10.14
CA LEU A 147 5.28 -14.65 -11.04
C LEU A 147 5.93 -14.64 -12.43
N LEU A 148 7.14 -15.20 -12.55
CA LEU A 148 7.86 -15.12 -13.82
C LEU A 148 7.93 -16.42 -14.57
N ALA A 149 7.77 -17.53 -13.87
CA ALA A 149 8.06 -18.86 -14.45
C ALA A 149 7.21 -19.18 -15.66
N TRP A 150 6.01 -18.60 -15.75
CA TRP A 150 5.13 -18.89 -16.89
C TRP A 150 4.80 -17.61 -17.66
N ALA A 151 5.61 -16.59 -17.44
CA ALA A 151 5.37 -15.28 -18.02
C ALA A 151 5.99 -15.24 -19.42
N PRO A 152 5.48 -14.34 -20.32
CA PRO A 152 6.01 -14.30 -21.66
C PRO A 152 7.46 -13.87 -21.61
N ALA A 153 8.24 -14.27 -22.61
CA ALA A 153 9.68 -13.97 -22.66
C ALA A 153 10.01 -12.50 -22.40
N ASP A 154 9.21 -11.59 -22.97
CA ASP A 154 9.45 -10.15 -22.84
C ASP A 154 9.25 -9.65 -21.42
N VAL A 155 8.37 -10.30 -20.66
CA VAL A 155 8.19 -9.96 -19.25
C VAL A 155 9.39 -10.39 -18.43
N VAL A 156 9.90 -11.60 -18.68
CA VAL A 156 11.12 -12.06 -18.01
C VAL A 156 12.29 -11.16 -18.40
N GLU A 157 12.37 -10.83 -19.69
CA GLU A 157 13.40 -9.96 -20.24
C GLU A 157 13.44 -8.58 -19.55
N ARG A 158 12.27 -8.01 -19.26
CA ARG A 158 12.23 -6.69 -18.59
C ARG A 158 12.82 -6.76 -17.19
N VAL A 159 12.32 -7.70 -16.39
CA VAL A 159 12.87 -7.98 -15.09
C VAL A 159 14.39 -8.04 -15.12
N VAL A 160 14.94 -8.89 -16.00
CA VAL A 160 16.38 -9.06 -16.11
C VAL A 160 17.09 -7.72 -16.32
N ALA A 161 16.57 -6.90 -17.23
CA ALA A 161 17.19 -5.62 -17.59
C ALA A 161 17.17 -4.63 -16.44
N GLU A 162 16.16 -4.75 -15.58
CA GLU A 162 15.94 -3.83 -14.47
C GLU A 162 16.40 -4.36 -13.11
N SER A 163 17.00 -5.56 -13.07
CA SER A 163 17.42 -6.15 -11.81
C SER A 163 18.87 -5.83 -11.50
N THR A 164 19.17 -5.56 -10.23
CA THR A 164 20.57 -5.33 -9.85
C THR A 164 21.33 -6.63 -9.74
N PHE A 165 20.62 -7.69 -9.36
CA PHE A 165 21.24 -8.99 -9.03
C PHE A 165 22.26 -8.92 -7.88
N GLN A 166 22.07 -7.99 -6.96
CA GLN A 166 22.97 -7.85 -5.82
C GLN A 166 22.63 -8.85 -4.76
N LYS A 167 23.66 -9.23 -4.01
CA LYS A 167 23.52 -10.17 -2.92
C LYS A 167 22.78 -9.49 -1.76
N LEU A 168 21.73 -10.13 -1.26
CA LEU A 168 20.94 -9.57 -0.16
C LEU A 168 21.06 -10.48 1.05
N GLY A 169 21.06 -11.79 0.79
CA GLY A 169 21.24 -12.79 1.82
C GLY A 169 22.33 -13.72 1.39
N PRO A 170 22.65 -14.72 2.24
CA PRO A 170 23.78 -15.66 1.98
C PRO A 170 23.70 -16.45 0.67
N GLU A 171 22.50 -16.57 0.11
CA GLU A 171 22.26 -17.48 -1.01
C GLU A 171 21.68 -16.80 -2.27
N THR A 172 21.54 -15.48 -2.27
CA THR A 172 20.99 -14.78 -3.43
C THR A 172 21.74 -15.20 -4.70
N ILE A 173 20.99 -15.62 -5.72
CA ILE A 173 21.49 -15.77 -7.08
C ILE A 173 21.99 -14.41 -7.57
N GLY A 174 22.97 -14.41 -8.46
CA GLY A 174 23.57 -13.16 -8.93
C GLY A 174 23.56 -12.98 -10.44
N THR A 175 22.95 -13.91 -11.18
CA THR A 175 22.99 -13.82 -12.63
C THR A 175 21.68 -14.23 -13.32
N ALA A 176 21.44 -13.65 -14.49
CA ALA A 176 20.33 -14.00 -15.40
C ALA A 176 20.27 -15.51 -15.74
N ALA A 177 21.43 -16.10 -16.00
CA ALA A 177 21.53 -17.55 -16.27
C ALA A 177 21.00 -18.37 -15.08
N GLU A 178 21.39 -17.97 -13.86
CA GLU A 178 20.88 -18.62 -12.64
C GLU A 178 19.37 -18.42 -12.42
N LEU A 179 18.86 -17.22 -12.65
CA LEU A 179 17.41 -16.96 -12.57
C LEU A 179 16.59 -17.86 -13.49
N GLU A 180 17.08 -18.00 -14.71
CA GLU A 180 16.51 -18.79 -15.77
C GLU A 180 16.45 -20.28 -15.36
N ARG A 181 17.56 -20.81 -14.83
CA ARG A 181 17.55 -22.13 -14.23
C ARG A 181 16.53 -22.28 -13.10
N GLU A 182 16.46 -21.30 -12.19
CA GLU A 182 15.45 -21.30 -11.13
C GLU A 182 14.02 -21.36 -11.68
N LEU A 183 13.73 -20.55 -12.70
CA LEU A 183 12.40 -20.54 -13.29
C LEU A 183 11.97 -21.86 -13.91
N ALA A 184 12.94 -22.60 -14.47
CA ALA A 184 12.68 -23.92 -15.05
C ALA A 184 12.31 -24.91 -13.95
N LYS A 185 13.02 -24.82 -12.82
CA LYS A 185 12.72 -25.63 -11.63
C LYS A 185 11.30 -25.36 -11.12
N VAL A 186 10.94 -24.07 -11.06
CA VAL A 186 9.60 -23.65 -10.71
C VAL A 186 8.48 -24.19 -11.65
N ARG A 187 8.66 -24.05 -12.97
CA ARG A 187 7.75 -24.68 -13.95
C ARG A 187 7.53 -26.18 -13.66
N GLU A 188 8.59 -26.86 -13.28
CA GLU A 188 8.57 -28.29 -13.04
C GLU A 188 7.92 -28.63 -11.69
N GLN A 189 8.14 -27.78 -10.68
CA GLN A 189 7.57 -27.97 -9.35
C GLN A 189 6.09 -27.52 -9.26
N GLY A 190 5.79 -26.39 -9.89
CA GLY A 190 4.48 -25.77 -9.77
C GLY A 190 4.39 -24.69 -8.69
N PHE A 191 5.48 -24.51 -7.94
CA PHE A 191 5.60 -23.47 -6.91
C PHE A 191 7.06 -23.03 -6.78
N ALA A 192 7.29 -21.89 -6.14
CA ALA A 192 8.64 -21.52 -5.83
C ALA A 192 8.94 -21.68 -4.33
N LEU A 193 10.15 -22.13 -4.00
CA LEU A 193 10.68 -22.13 -2.64
C LEU A 193 12.10 -21.54 -2.62
N THR A 194 12.35 -20.61 -1.72
CA THR A 194 13.68 -20.02 -1.58
C THR A 194 14.02 -20.01 -0.11
N SER A 195 15.30 -20.09 0.21
CA SER A 195 15.72 -19.79 1.56
C SER A 195 17.00 -19.01 1.51
N GLU A 196 17.10 -18.03 2.42
CA GLU A 196 18.30 -17.21 2.60
C GLU A 196 18.66 -16.35 1.39
N GLU A 197 17.70 -16.06 0.51
CA GLU A 197 18.00 -15.25 -0.70
C GLU A 197 17.68 -13.77 -0.55
N LEU A 198 16.69 -13.48 0.28
CA LEU A 198 16.33 -12.11 0.63
C LEU A 198 16.96 -11.70 1.96
N GLU A 199 17.01 -12.61 2.93
CA GLU A 199 17.58 -12.31 4.24
C GLU A 199 17.90 -13.61 4.94
N LYS A 200 18.98 -13.62 5.74
CA LYS A 200 19.37 -14.79 6.55
C LYS A 200 18.22 -15.33 7.42
N GLY A 201 17.94 -16.63 7.29
CA GLY A 201 16.91 -17.29 8.08
C GLY A 201 15.51 -17.22 7.52
N LEU A 202 15.33 -16.47 6.43
CA LEU A 202 14.01 -16.34 5.82
C LEU A 202 13.78 -17.38 4.73
N ILE A 203 12.72 -18.17 4.88
CA ILE A 203 12.31 -19.17 3.89
C ILE A 203 10.94 -18.83 3.31
N SER A 204 10.77 -18.97 1.99
CA SER A 204 9.52 -18.53 1.34
C SER A 204 8.96 -19.46 0.28
N LEU A 205 7.63 -19.56 0.25
CA LEU A 205 6.88 -20.31 -0.77
C LEU A 205 5.93 -19.39 -1.49
N ALA A 206 5.78 -19.62 -2.79
CA ALA A 206 4.76 -18.92 -3.59
C ALA A 206 4.19 -19.84 -4.68
N ALA A 207 2.90 -19.68 -4.94
CA ALA A 207 2.21 -20.46 -5.97
C ALA A 207 1.43 -19.52 -6.91
N PRO A 208 1.44 -19.82 -8.22
CA PRO A 208 0.78 -18.92 -9.17
C PRO A 208 -0.76 -18.89 -9.10
N VAL A 209 -1.34 -17.70 -9.31
CA VAL A 209 -2.80 -17.50 -9.41
C VAL A 209 -3.15 -17.16 -10.86
N HIS A 210 -4.21 -17.77 -11.38
CA HIS A 210 -4.65 -17.52 -12.75
C HIS A 210 -6.03 -16.86 -12.74
N ASP A 211 -6.33 -16.08 -13.77
CA ASP A 211 -7.70 -15.56 -13.95
C ASP A 211 -8.40 -16.27 -15.11
N ALA A 212 -9.53 -15.72 -15.55
CA ALA A 212 -10.35 -16.33 -16.61
C ALA A 212 -9.59 -16.59 -17.91
N GLY A 213 -8.65 -15.70 -18.25
CA GLY A 213 -7.94 -15.77 -19.52
C GLY A 213 -6.67 -16.61 -19.53
N GLY A 214 -6.36 -17.25 -18.40
CA GLY A 214 -5.20 -18.12 -18.31
C GLY A 214 -3.93 -17.42 -17.85
N THR A 215 -4.02 -16.11 -17.66
CA THR A 215 -2.86 -15.30 -17.26
C THR A 215 -2.59 -15.48 -15.78
N VAL A 216 -1.31 -15.49 -15.42
CA VAL A 216 -0.90 -15.53 -14.02
C VAL A 216 -1.04 -14.12 -13.48
N VAL A 217 -1.99 -13.91 -12.59
CA VAL A 217 -2.27 -12.54 -12.17
C VAL A 217 -1.68 -12.20 -10.81
N GLY A 218 -1.24 -13.22 -10.08
CA GLY A 218 -0.57 -13.03 -8.80
C GLY A 218 -0.07 -14.33 -8.24
N VAL A 219 0.37 -14.28 -6.99
CA VAL A 219 0.78 -15.46 -6.26
C VAL A 219 0.26 -15.38 -4.83
N VAL A 220 -0.09 -16.51 -4.28
CA VAL A 220 -0.32 -16.65 -2.85
C VAL A 220 1.03 -17.05 -2.24
N ALA A 221 1.45 -16.29 -1.23
CA ALA A 221 2.76 -16.49 -0.61
C ALA A 221 2.72 -16.58 0.92
N CYS A 222 3.79 -17.15 1.48
CA CYS A 222 3.87 -17.55 2.87
C CYS A 222 5.35 -17.65 3.20
N SER A 223 5.78 -17.09 4.33
CA SER A 223 7.18 -17.21 4.77
C SER A 223 7.31 -17.78 6.18
N THR A 224 8.47 -18.34 6.49
CA THR A 224 8.78 -18.78 7.84
C THR A 224 10.23 -18.44 8.20
N SER A 225 10.60 -18.71 9.45
CA SER A 225 11.95 -18.54 9.92
C SER A 225 12.62 -19.91 9.99
N SER A 226 13.90 -20.00 9.65
CA SER A 226 14.59 -21.28 9.79
C SER A 226 14.67 -21.76 11.26
N ALA A 227 14.35 -20.87 12.21
CA ALA A 227 14.26 -21.21 13.64
C ALA A 227 13.00 -22.00 13.96
N ARG A 228 11.98 -21.88 13.09
CA ARG A 228 10.74 -22.65 13.22
C ARG A 228 10.66 -23.84 12.27
N ASN A 229 11.32 -23.77 11.10
CA ASN A 229 11.26 -24.83 10.08
C ASN A 229 12.54 -24.91 9.24
N THR A 230 12.88 -26.12 8.80
CA THR A 230 13.76 -26.24 7.66
C THR A 230 12.97 -25.97 6.37
N PRO A 231 13.67 -25.71 5.25
CA PRO A 231 13.04 -25.56 3.93
C PRO A 231 12.21 -26.77 3.52
N ALA A 232 12.73 -27.99 3.74
CA ALA A 232 12.02 -29.21 3.42
C ALA A 232 10.78 -29.42 4.30
N GLN A 233 10.94 -29.19 5.61
CA GLN A 233 9.83 -29.22 6.58
C GLN A 233 8.69 -28.27 6.18
N PHE A 234 9.03 -27.04 5.82
CA PHE A 234 8.05 -26.00 5.53
C PHE A 234 7.33 -26.34 4.25
N ARG A 235 8.07 -26.86 3.28
CA ARG A 235 7.50 -27.25 2.01
C ARG A 235 6.46 -28.35 2.22
N GLU A 236 6.75 -29.26 3.16
CA GLU A 236 5.82 -30.33 3.51
C GLU A 236 4.52 -29.84 4.11
N GLN A 237 4.62 -28.97 5.12
CA GLN A 237 3.48 -28.56 5.93
C GLN A 237 2.68 -27.42 5.31
N ALA A 238 3.32 -26.63 4.45
CA ALA A 238 2.70 -25.43 3.90
C ALA A 238 2.29 -25.49 2.42
N VAL A 239 3.04 -26.23 1.60
CA VAL A 239 2.79 -26.27 0.14
C VAL A 239 1.37 -26.69 -0.21
N PRO A 240 0.85 -27.76 0.46
CA PRO A 240 -0.49 -28.20 0.07
C PRO A 240 -1.52 -27.09 0.11
N CYS A 241 -1.53 -26.30 1.19
CA CYS A 241 -2.56 -25.28 1.33
C CYS A 241 -2.26 -23.97 0.59
N VAL A 242 -0.97 -23.68 0.36
CA VAL A 242 -0.64 -22.56 -0.52
C VAL A 242 -1.20 -22.86 -1.91
N LEU A 243 -0.98 -24.10 -2.37
CA LEU A 243 -1.55 -24.56 -3.63
C LEU A 243 -3.07 -24.53 -3.67
N ALA A 244 -3.71 -24.91 -2.55
CA ALA A 244 -5.18 -25.01 -2.53
C ALA A 244 -5.77 -23.61 -2.50
N ALA A 245 -5.11 -22.71 -1.79
CA ALA A 245 -5.52 -21.31 -1.70
C ALA A 245 -5.39 -20.64 -3.07
N ALA A 246 -4.28 -20.86 -3.75
CA ALA A 246 -4.07 -20.30 -5.09
C ALA A 246 -5.10 -20.85 -6.06
N ALA A 247 -5.39 -22.15 -5.98
CA ALA A 247 -6.41 -22.78 -6.85
C ALA A 247 -7.83 -22.27 -6.58
N ALA A 248 -8.18 -22.10 -5.32
CA ALA A 248 -9.49 -21.53 -4.96
C ALA A 248 -9.62 -20.08 -5.44
N LEU A 249 -8.54 -19.29 -5.27
CA LEU A 249 -8.54 -17.88 -5.68
C LEU A 249 -8.56 -17.77 -7.20
N SER A 250 -7.88 -18.70 -7.86
CA SER A 250 -7.89 -18.78 -9.31
C SER A 250 -9.31 -18.96 -9.81
N ALA A 251 -10.06 -19.82 -9.13
CA ALA A 251 -11.47 -20.07 -9.45
C ALA A 251 -12.31 -18.82 -9.25
N ASP A 252 -12.14 -18.15 -8.09
CA ASP A 252 -12.83 -16.86 -7.81
C ASP A 252 -12.63 -15.89 -8.97
N MSE A 253 -11.49 -15.99 -9.65
CA MSE A 253 -11.13 -15.10 -10.73
C MSE A 253 -11.54 -15.65 -12.11
O MSE A 253 -11.22 -15.08 -13.14
CB MSE A 253 -9.63 -14.78 -10.67
CG MSE A 253 -9.21 -14.05 -9.36
SE MSE A 253 -10.07 -12.26 -9.14
CE MSE A 253 -9.04 -11.32 -10.48
N GLY A 254 -12.28 -16.75 -12.09
CA GLY A 254 -12.88 -17.34 -13.30
C GLY A 254 -12.01 -18.29 -14.09
N PHE A 255 -10.92 -18.78 -13.48
CA PHE A 255 -10.02 -19.69 -14.17
C PHE A 255 -10.66 -21.06 -14.29
N ALA A 256 -10.67 -21.61 -15.50
CA ALA A 256 -11.41 -22.85 -15.81
C ALA A 256 -10.92 -24.06 -15.03
N ARG B 7 -34.84 -5.33 -37.90
CA ARG B 7 -34.52 -5.55 -39.35
C ARG B 7 -33.22 -6.38 -39.53
N ASP B 8 -32.08 -5.73 -39.33
CA ASP B 8 -30.77 -6.38 -39.23
C ASP B 8 -30.04 -5.84 -37.99
N TYR B 9 -30.74 -4.95 -37.27
CA TYR B 9 -30.15 -4.27 -36.12
C TYR B 9 -30.74 -4.78 -34.81
N ILE B 10 -29.88 -5.40 -34.03
CA ILE B 10 -30.23 -5.95 -32.73
C ILE B 10 -29.80 -4.97 -31.63
N GLN B 11 -30.76 -4.14 -31.22
CA GLN B 11 -30.49 -3.07 -30.28
C GLN B 11 -30.04 -3.58 -28.90
N SER B 12 -30.49 -4.78 -28.51
CA SER B 12 -30.11 -5.36 -27.22
C SER B 12 -28.59 -5.60 -27.11
N ILE B 13 -27.93 -5.86 -28.24
CA ILE B 13 -26.50 -6.04 -28.26
C ILE B 13 -25.83 -4.70 -27.90
N GLU B 14 -26.35 -3.62 -28.48
CA GLU B 14 -25.89 -2.28 -28.17
C GLU B 14 -26.07 -2.02 -26.67
N ARG B 15 -27.25 -2.37 -26.14
CA ARG B 15 -27.54 -2.10 -24.74
C ARG B 15 -26.66 -2.93 -23.81
N GLY B 16 -26.35 -4.15 -24.22
CA GLY B 16 -25.45 -5.01 -23.46
C GLY B 16 -24.12 -4.32 -23.29
N PHE B 17 -23.57 -3.78 -24.37
CA PHE B 17 -22.29 -3.07 -24.26
C PHE B 17 -22.40 -1.81 -23.43
N ALA B 18 -23.50 -1.10 -23.58
CA ALA B 18 -23.74 0.14 -22.83
C ALA B 18 -23.72 -0.14 -21.33
N VAL B 19 -24.24 -1.29 -20.91
CA VAL B 19 -24.21 -1.66 -19.48
C VAL B 19 -22.77 -1.97 -19.01
N LEU B 20 -22.05 -2.76 -19.81
CA LEU B 20 -20.64 -3.04 -19.52
C LEU B 20 -19.80 -1.77 -19.43
N LEU B 21 -20.03 -0.85 -20.36
CA LEU B 21 -19.27 0.40 -20.41
C LEU B 21 -19.72 1.41 -19.36
N ALA B 22 -20.86 1.17 -18.71
CA ALA B 22 -21.35 2.05 -17.64
C ALA B 22 -20.53 1.91 -16.36
N PHE B 23 -19.74 0.84 -16.27
CA PHE B 23 -18.94 0.56 -15.10
C PHE B 23 -17.70 1.49 -15.10
N ASP B 24 -17.31 1.92 -13.90
CA ASP B 24 -16.15 2.78 -13.71
C ASP B 24 -15.07 1.94 -13.00
N ALA B 25 -13.86 1.92 -13.56
CA ALA B 25 -12.75 1.15 -12.96
C ALA B 25 -12.55 1.47 -11.47
N GLN B 26 -12.91 2.70 -11.08
CA GLN B 26 -12.73 3.22 -9.71
C GLN B 26 -13.99 3.10 -8.83
N ARG B 27 -15.12 2.75 -9.43
CA ARG B 27 -16.33 2.40 -8.69
C ARG B 27 -16.63 0.95 -9.00
N PRO B 28 -15.98 0.01 -8.29
CA PRO B 28 -16.00 -1.40 -8.70
C PRO B 28 -17.31 -2.15 -8.42
N ASN B 29 -18.18 -1.58 -7.60
CA ASN B 29 -19.32 -2.30 -7.06
C ASN B 29 -20.62 -1.49 -7.00
N PRO B 30 -21.06 -0.93 -8.14
CA PRO B 30 -22.26 -0.07 -8.15
C PRO B 30 -23.58 -0.83 -7.97
N THR B 31 -24.64 -0.11 -7.57
CA THR B 31 -25.96 -0.69 -7.49
C THR B 31 -26.54 -0.72 -8.90
N LEU B 32 -27.66 -1.42 -9.08
CA LEU B 32 -28.37 -1.41 -10.35
C LEU B 32 -28.71 0.02 -10.80
N ALA B 33 -29.33 0.78 -9.90
CA ALA B 33 -29.75 2.16 -10.14
C ALA B 33 -28.63 3.06 -10.67
N GLU B 34 -27.44 2.95 -10.07
CA GLU B 34 -26.26 3.69 -10.55
C GLU B 34 -25.83 3.31 -11.99
N LEU B 35 -25.91 2.02 -12.30
CA LEU B 35 -25.62 1.54 -13.66
C LEU B 35 -26.64 2.00 -14.71
N ALA B 36 -27.92 1.97 -14.34
CA ALA B 36 -28.99 2.34 -15.25
C ALA B 36 -28.96 3.85 -15.54
N THR B 37 -28.67 4.66 -14.52
CA THR B 37 -28.49 6.10 -14.68
C THR B 37 -27.29 6.41 -15.59
N GLU B 38 -26.16 5.76 -15.31
CA GLU B 38 -24.99 5.88 -16.18
C GLU B 38 -25.26 5.42 -17.63
N ALA B 39 -25.91 4.27 -17.81
CA ALA B 39 -26.18 3.74 -19.16
C ALA B 39 -27.29 4.52 -19.87
N GLY B 40 -28.06 5.30 -19.12
CA GLY B 40 -29.25 5.97 -19.67
C GLY B 40 -30.32 4.97 -20.06
N LEU B 41 -30.42 3.86 -19.34
CA LEU B 41 -31.43 2.84 -19.64
C LEU B 41 -32.38 2.70 -18.46
N SER B 42 -33.62 2.25 -18.73
CA SER B 42 -34.58 1.91 -17.67
C SER B 42 -34.02 0.81 -16.74
N ARG B 43 -34.49 0.76 -15.50
CA ARG B 43 -34.08 -0.29 -14.59
C ARG B 43 -34.51 -1.73 -15.03
N PRO B 44 -35.76 -1.91 -15.54
CA PRO B 44 -36.07 -3.26 -16.07
C PRO B 44 -35.14 -3.74 -17.21
N ALA B 45 -34.68 -2.81 -18.06
CA ALA B 45 -33.82 -3.16 -19.17
C ALA B 45 -32.48 -3.57 -18.62
N VAL B 46 -31.98 -2.77 -17.69
CA VAL B 46 -30.66 -2.99 -17.09
C VAL B 46 -30.65 -4.27 -16.27
N ARG B 47 -31.70 -4.50 -15.48
CA ARG B 47 -31.84 -5.75 -14.72
C ARG B 47 -31.80 -7.00 -15.62
N ARG B 48 -32.50 -6.95 -16.75
CA ARG B 48 -32.51 -8.08 -17.67
C ARG B 48 -31.14 -8.29 -18.32
N ILE B 49 -30.48 -7.20 -18.70
CA ILE B 49 -29.13 -7.25 -19.25
C ILE B 49 -28.11 -7.79 -18.23
N LEU B 50 -28.22 -7.32 -17.00
CA LEU B 50 -27.31 -7.77 -15.93
C LEU B 50 -27.44 -9.27 -15.68
N LEU B 51 -28.68 -9.74 -15.60
CA LEU B 51 -28.94 -11.16 -15.38
C LEU B 51 -28.41 -12.04 -16.54
N THR B 52 -28.46 -11.51 -17.75
CA THR B 52 -27.93 -12.21 -18.93
C THR B 52 -26.41 -12.24 -18.88
N LEU B 53 -25.84 -11.07 -18.55
CA LEU B 53 -24.37 -10.94 -18.44
C LEU B 53 -23.82 -11.79 -17.29
N GLN B 54 -24.60 -11.95 -16.23
CA GLN B 54 -24.23 -12.79 -15.11
C GLN B 54 -24.18 -14.26 -15.54
N LYS B 55 -25.19 -14.68 -16.28
CA LYS B 55 -25.30 -16.07 -16.78
C LYS B 55 -24.13 -16.38 -17.70
N LEU B 56 -23.78 -15.39 -18.54
CA LEU B 56 -22.61 -15.47 -19.42
C LEU B 56 -21.27 -15.32 -18.67
N GLY B 57 -21.29 -14.94 -17.39
CA GLY B 57 -20.05 -14.89 -16.59
C GLY B 57 -19.28 -13.57 -16.63
N TYR B 58 -19.89 -12.52 -17.20
CA TYR B 58 -19.24 -11.21 -17.31
C TYR B 58 -19.42 -10.29 -16.10
N VAL B 59 -20.53 -10.49 -15.37
CA VAL B 59 -20.81 -9.74 -14.14
C VAL B 59 -21.23 -10.70 -13.05
N ALA B 60 -21.10 -10.25 -11.81
CA ALA B 60 -21.59 -10.97 -10.64
C ALA B 60 -22.42 -10.01 -9.78
N GLY B 61 -23.57 -10.48 -9.34
CA GLY B 61 -24.49 -9.67 -8.56
C GLY B 61 -24.56 -10.18 -7.14
N SER B 62 -24.51 -9.26 -6.19
CA SER B 62 -24.65 -9.60 -4.77
C SER B 62 -25.16 -8.38 -3.99
N GLY B 63 -26.19 -8.58 -3.18
CA GLY B 63 -26.70 -7.57 -2.26
C GLY B 63 -27.26 -6.30 -2.90
N GLY B 64 -27.73 -6.40 -4.14
CA GLY B 64 -28.26 -5.25 -4.86
C GLY B 64 -27.20 -4.54 -5.67
N ARG B 65 -25.95 -5.02 -5.56
CA ARG B 65 -24.79 -4.47 -6.28
C ARG B 65 -24.20 -5.44 -7.30
N TRP B 66 -23.44 -4.90 -8.26
CA TRP B 66 -22.89 -5.66 -9.38
C TRP B 66 -21.41 -5.36 -9.62
N SER B 67 -20.65 -6.36 -10.05
CA SER B 67 -19.24 -6.16 -10.35
C SER B 67 -18.94 -6.85 -11.66
N LEU B 68 -18.02 -6.28 -12.44
CA LEU B 68 -17.45 -6.98 -13.59
C LEU B 68 -16.63 -8.19 -13.09
N THR B 69 -16.40 -9.17 -13.95
CA THR B 69 -15.51 -10.28 -13.62
C THR B 69 -14.31 -10.20 -14.55
N PRO B 70 -13.25 -11.00 -14.29
CA PRO B 70 -12.11 -11.00 -15.20
C PRO B 70 -12.48 -11.47 -16.61
N ARG B 71 -13.60 -12.18 -16.72
CA ARG B 71 -14.08 -12.68 -18.01
C ARG B 71 -14.38 -11.52 -18.94
N VAL B 72 -14.40 -10.30 -18.41
CA VAL B 72 -14.64 -9.12 -19.23
C VAL B 72 -13.39 -8.72 -20.03
N LEU B 73 -12.22 -9.12 -19.55
CA LEU B 73 -10.95 -8.84 -20.26
C LEU B 73 -10.70 -9.87 -21.38
N SER B 74 -11.47 -10.95 -21.35
CA SER B 74 -11.27 -12.11 -22.20
C SER B 74 -11.65 -11.75 -23.63
N ILE B 75 -12.73 -11.00 -23.77
CA ILE B 75 -13.12 -10.57 -25.08
C ILE B 75 -12.07 -9.68 -25.76
N GLY B 76 -11.51 -8.74 -25.00
CA GLY B 76 -10.39 -7.92 -25.47
C GLY B 76 -9.20 -8.74 -25.91
N GLN B 77 -8.91 -9.81 -25.18
CA GLN B 77 -7.79 -10.71 -25.45
C GLN B 77 -7.91 -11.42 -26.78
N HIS B 78 -9.14 -11.63 -27.25
CA HIS B 78 -9.40 -12.15 -28.60
C HIS B 78 -8.94 -11.22 -29.74
N TYR B 79 -9.10 -9.89 -29.56
CA TYR B 79 -8.48 -8.97 -30.52
C TYR B 79 -6.97 -9.24 -30.66
N SER B 80 -6.27 -9.29 -29.54
CA SER B 80 -4.82 -9.54 -29.47
C SER B 80 -4.41 -10.91 -30.00
N GLU B 81 -5.17 -11.93 -29.66
CA GLU B 81 -4.87 -13.30 -30.08
C GLU B 81 -4.94 -13.45 -31.59
N SER B 82 -5.88 -12.72 -32.21
CA SER B 82 -6.13 -12.75 -33.65
C SER B 82 -5.35 -11.66 -34.42
N HIS B 83 -4.50 -10.92 -33.71
CA HIS B 83 -3.63 -9.93 -34.36
C HIS B 83 -2.21 -10.11 -33.86
N ALA B 84 -1.41 -10.77 -34.70
CA ALA B 84 -0.06 -11.22 -34.34
C ALA B 84 0.92 -10.08 -34.13
N LEU B 85 0.57 -8.90 -34.63
CA LEU B 85 1.37 -7.70 -34.45
C LEU B 85 1.55 -7.34 -32.95
N ILE B 86 0.54 -7.64 -32.13
CA ILE B 86 0.61 -7.33 -30.69
C ILE B 86 1.71 -8.10 -29.97
N GLU B 87 1.72 -9.42 -30.09
CA GLU B 87 2.78 -10.22 -29.48
C GLU B 87 4.16 -9.91 -30.04
N ALA B 88 4.23 -9.73 -31.36
CA ALA B 88 5.50 -9.35 -31.99
C ALA B 88 6.01 -8.00 -31.47
N ALA B 89 5.09 -7.07 -31.23
CA ALA B 89 5.45 -5.72 -30.75
C ALA B 89 6.24 -5.71 -29.45
N MSE B 90 5.93 -6.62 -28.53
CA MSE B 90 6.39 -6.54 -27.13
C MSE B 90 7.91 -6.36 -26.97
O MSE B 90 8.32 -5.41 -26.34
CB MSE B 90 5.93 -7.78 -26.32
CG MSE B 90 4.41 -7.95 -26.21
SE MSE B 90 3.55 -6.24 -25.74
CE MSE B 90 4.23 -5.84 -24.00
N PRO B 91 8.74 -7.28 -27.53
CA PRO B 91 10.21 -7.15 -27.47
C PRO B 91 10.73 -5.86 -28.10
N ARG B 92 10.09 -5.39 -29.17
CA ARG B 92 10.48 -4.12 -29.77
C ARG B 92 10.13 -2.93 -28.87
N LEU B 93 8.95 -2.95 -28.26
CA LEU B 93 8.58 -1.89 -27.33
C LEU B 93 9.48 -1.88 -26.09
N LEU B 94 9.89 -3.06 -25.62
CA LEU B 94 10.83 -3.15 -24.49
C LEU B 94 12.15 -2.48 -24.83
N GLU B 95 12.64 -2.66 -26.05
CA GLU B 95 13.88 -2.03 -26.47
C GLU B 95 13.76 -0.50 -26.40
N VAL B 96 12.65 0.04 -26.90
CA VAL B 96 12.35 1.47 -26.77
C VAL B 96 12.28 1.94 -25.31
N ALA B 97 11.53 1.22 -24.48
CA ALA B 97 11.37 1.63 -23.08
C ALA B 97 12.70 1.64 -22.36
N GLU B 98 13.53 0.59 -22.55
CA GLU B 98 14.84 0.51 -21.90
C GLU B 98 15.78 1.65 -22.31
N LYS B 99 15.82 1.93 -23.61
CA LYS B 99 16.74 2.91 -24.14
C LYS B 99 16.37 4.33 -23.70
N THR B 100 15.07 4.65 -23.74
CA THR B 100 14.58 5.98 -23.47
C THR B 100 14.19 6.18 -22.00
N GLN B 101 13.95 5.08 -21.30
CA GLN B 101 13.28 5.15 -19.99
C GLN B 101 11.97 5.92 -20.06
N GLU B 102 11.28 5.79 -21.20
CA GLU B 102 9.92 6.32 -21.35
C GLU B 102 9.03 5.15 -21.80
N SER B 103 7.77 5.12 -21.37
CA SER B 103 6.89 4.02 -21.75
C SER B 103 6.72 4.00 -23.28
N ALA B 104 6.77 2.80 -23.84
CA ALA B 104 6.66 2.55 -25.29
C ALA B 104 5.34 1.85 -25.55
N SER B 105 4.63 2.24 -26.62
CA SER B 105 3.32 1.67 -26.93
C SER B 105 3.17 1.30 -28.40
N LEU B 106 2.28 0.35 -28.66
CA LEU B 106 1.80 0.10 -30.02
C LEU B 106 0.42 0.73 -30.14
N GLY B 107 0.25 1.60 -31.13
CA GLY B 107 -1.04 2.22 -31.33
C GLY B 107 -1.68 1.68 -32.59
N VAL B 108 -3.00 1.52 -32.55
CA VAL B 108 -3.78 1.09 -33.73
C VAL B 108 -5.00 1.99 -33.91
N LEU B 109 -5.37 2.20 -35.18
CA LEU B 109 -6.49 3.05 -35.53
C LEU B 109 -7.82 2.38 -35.28
N ASP B 110 -8.74 3.14 -34.67
CA ASP B 110 -10.09 2.67 -34.46
C ASP B 110 -11.07 3.82 -34.69
N GLY B 111 -11.52 3.96 -35.94
CA GLY B 111 -12.33 5.11 -36.36
C GLY B 111 -11.54 6.41 -36.21
N ALA B 112 -12.11 7.36 -35.46
CA ALA B 112 -11.48 8.66 -35.17
C ALA B 112 -10.48 8.63 -34.00
N ASP B 113 -10.47 7.53 -33.23
CA ASP B 113 -9.54 7.39 -32.13
C ASP B 113 -8.37 6.47 -32.48
N VAL B 114 -7.28 6.65 -31.76
CA VAL B 114 -6.24 5.66 -31.63
C VAL B 114 -6.47 4.92 -30.30
N VAL B 115 -6.21 3.61 -30.34
CA VAL B 115 -6.27 2.73 -29.19
C VAL B 115 -4.86 2.19 -28.91
N TYR B 116 -4.46 2.20 -27.64
CA TYR B 116 -3.21 1.60 -27.21
C TYR B 116 -3.43 0.09 -27.18
N ALA B 117 -2.76 -0.61 -28.09
CA ALA B 117 -2.98 -2.04 -28.20
C ALA B 117 -1.98 -2.85 -27.40
N ALA B 118 -0.84 -2.26 -27.09
CA ALA B 118 0.22 -2.93 -26.30
C ALA B 118 1.11 -1.86 -25.68
N ARG B 119 1.65 -2.16 -24.50
CA ARG B 119 2.33 -1.19 -23.65
C ARG B 119 3.44 -1.84 -22.84
N VAL B 120 4.59 -1.18 -22.81
CA VAL B 120 5.66 -1.47 -21.86
C VAL B 120 5.89 -0.20 -21.03
N PRO B 121 5.39 -0.18 -19.79
CA PRO B 121 5.51 1.02 -18.98
C PRO B 121 6.87 1.10 -18.27
N VAL B 122 7.28 2.31 -17.92
CA VAL B 122 8.43 2.49 -17.08
C VAL B 122 7.94 3.05 -15.73
N ARG B 123 8.54 2.66 -14.63
CA ARG B 123 8.08 3.20 -13.36
C ARG B 123 8.63 4.62 -13.06
N ARG B 124 7.77 5.64 -13.20
CA ARG B 124 8.06 6.95 -12.59
C ARG B 124 6.87 7.32 -11.75
N ILE B 125 7.02 8.30 -10.87
CA ILE B 125 5.84 8.89 -10.26
C ILE B 125 5.24 9.85 -11.30
N MSE B 126 6.13 10.44 -12.10
CA MSE B 126 5.80 11.42 -13.13
C MSE B 126 5.16 10.66 -14.23
O MSE B 126 5.80 10.30 -15.25
CB MSE B 126 7.05 12.17 -13.61
CG MSE B 126 7.43 13.39 -12.78
SE MSE B 126 6.36 15.01 -13.19
CE MSE B 126 4.95 14.76 -11.89
N SER B 127 3.87 10.38 -14.01
CA SER B 127 3.22 9.27 -14.66
C SER B 127 2.48 9.69 -15.90
N ILE B 128 2.86 9.09 -17.03
CA ILE B 128 2.16 9.30 -18.27
C ILE B 128 1.20 8.10 -18.39
N ASN B 129 -0.06 8.35 -17.99
CA ASN B 129 -0.99 7.29 -17.61
C ASN B 129 -1.97 6.83 -18.72
N VAL B 130 -1.72 5.63 -19.26
CA VAL B 130 -2.68 4.94 -20.14
C VAL B 130 -2.59 3.40 -19.98
N SER B 131 -3.73 2.73 -20.03
CA SER B 131 -3.73 1.28 -20.02
C SER B 131 -4.04 0.77 -21.45
N VAL B 132 -3.92 -0.54 -21.67
CA VAL B 132 -4.30 -1.15 -22.95
C VAL B 132 -5.81 -0.91 -23.10
N GLY B 133 -6.22 -0.47 -24.29
CA GLY B 133 -7.62 -0.14 -24.55
C GLY B 133 -7.94 1.34 -24.37
N THR B 134 -7.00 2.12 -23.86
CA THR B 134 -7.15 3.60 -23.77
C THR B 134 -7.27 4.18 -25.15
N ARG B 135 -8.15 5.17 -25.27
CA ARG B 135 -8.44 5.79 -26.54
C ARG B 135 -8.06 7.25 -26.47
N VAL B 136 -7.42 7.73 -27.53
CA VAL B 136 -7.00 9.12 -27.68
C VAL B 136 -7.35 9.56 -29.10
N PRO B 137 -7.74 10.84 -29.28
CA PRO B 137 -8.13 11.25 -30.63
C PRO B 137 -6.95 11.23 -31.59
N ALA B 138 -7.21 10.82 -32.83
CA ALA B 138 -6.18 10.72 -33.87
C ALA B 138 -5.65 12.09 -34.33
N TYR B 139 -6.51 13.11 -34.35
CA TYR B 139 -6.12 14.41 -34.90
C TYR B 139 -5.04 15.10 -34.05
N ALA B 140 -5.11 14.83 -32.73
CA ALA B 140 -4.32 15.59 -31.76
C ALA B 140 -3.06 14.85 -31.32
N THR B 141 -2.85 13.64 -31.83
CA THR B 141 -1.73 12.78 -31.42
C THR B 141 -0.77 12.42 -32.55
N SER B 142 0.50 12.17 -32.18
CA SER B 142 1.54 11.63 -33.06
C SER B 142 1.20 10.27 -33.64
N MSE B 143 0.64 9.40 -32.81
CA MSE B 143 0.15 8.10 -33.25
C MSE B 143 -0.89 8.30 -34.33
O MSE B 143 -0.82 7.66 -35.38
CB MSE B 143 -0.44 7.29 -32.10
CG MSE B 143 0.59 6.84 -31.06
SE MSE B 143 -0.15 5.67 -29.66
CE MSE B 143 -1.61 6.76 -28.94
N GLY B 144 -1.84 9.21 -34.08
CA GLY B 144 -2.92 9.51 -35.03
C GLY B 144 -2.34 9.91 -36.36
N ARG B 145 -1.38 10.83 -36.32
CA ARG B 145 -0.78 11.39 -37.52
C ARG B 145 0.07 10.40 -38.29
N ALA B 146 0.81 9.54 -37.57
CA ALA B 146 1.63 8.54 -38.23
C ALA B 146 0.76 7.42 -38.78
N LEU B 147 -0.43 7.26 -38.21
CA LEU B 147 -1.41 6.30 -38.74
C LEU B 147 -2.19 6.89 -39.91
N LEU B 148 -2.35 8.22 -39.96
CA LEU B 148 -3.15 8.82 -41.05
C LEU B 148 -2.33 9.43 -42.18
N ALA B 149 -1.04 9.66 -41.97
CA ALA B 149 -0.18 10.31 -42.97
C ALA B 149 -0.21 9.64 -44.34
N TRP B 150 -0.21 8.29 -44.34
CA TRP B 150 -0.17 7.51 -45.58
C TRP B 150 -1.48 6.75 -45.85
N ALA B 151 -2.51 7.03 -45.06
CA ALA B 151 -3.83 6.45 -45.24
C ALA B 151 -4.61 7.15 -46.38
N PRO B 152 -5.58 6.42 -47.00
CA PRO B 152 -6.48 6.94 -48.04
C PRO B 152 -7.20 8.23 -47.62
N ALA B 153 -7.59 9.03 -48.61
CA ALA B 153 -8.26 10.31 -48.36
C ALA B 153 -9.69 10.17 -47.75
N ASP B 154 -10.40 9.14 -48.19
CA ASP B 154 -11.72 8.83 -47.67
C ASP B 154 -11.66 8.48 -46.19
N VAL B 155 -10.68 7.64 -45.83
CA VAL B 155 -10.42 7.35 -44.41
C VAL B 155 -10.28 8.67 -43.64
N VAL B 156 -9.37 9.52 -44.15
CA VAL B 156 -9.07 10.80 -43.51
C VAL B 156 -10.30 11.65 -43.34
N GLU B 157 -11.06 11.87 -44.40
CA GLU B 157 -12.30 12.64 -44.33
C GLU B 157 -13.27 12.04 -43.32
N ARG B 158 -13.35 10.72 -43.30
CA ARG B 158 -14.24 10.02 -42.38
C ARG B 158 -13.83 10.25 -40.93
N VAL B 159 -12.53 10.36 -40.71
CA VAL B 159 -12.00 10.71 -39.39
C VAL B 159 -12.30 12.17 -39.06
N VAL B 160 -12.00 13.06 -40.00
CA VAL B 160 -12.21 14.49 -39.81
C VAL B 160 -13.66 14.79 -39.45
N ALA B 161 -14.58 14.16 -40.19
CA ALA B 161 -16.01 14.35 -39.94
C ALA B 161 -16.37 14.04 -38.49
N GLU B 162 -15.61 13.13 -37.88
CA GLU B 162 -15.95 12.62 -36.56
C GLU B 162 -15.05 13.23 -35.49
N SER B 163 -14.02 13.95 -35.93
CA SER B 163 -13.05 14.53 -35.00
C SER B 163 -13.56 15.85 -34.43
N THR B 164 -13.59 15.94 -33.10
CA THR B 164 -14.15 17.09 -32.42
C THR B 164 -13.19 18.28 -32.46
N PHE B 165 -11.92 18.00 -32.70
CA PHE B 165 -10.92 19.04 -32.87
C PHE B 165 -10.88 19.96 -31.64
N GLN B 166 -11.33 19.44 -30.50
CA GLN B 166 -11.21 20.14 -29.23
C GLN B 166 -9.81 20.74 -29.08
N LYS B 167 -9.71 21.79 -28.26
CA LYS B 167 -8.43 22.30 -27.83
C LYS B 167 -8.06 21.56 -26.54
N LEU B 168 -7.17 20.57 -26.64
CA LEU B 168 -6.88 19.69 -25.51
C LEU B 168 -5.64 20.14 -24.72
N GLY B 169 -4.73 20.83 -25.39
CA GLY B 169 -3.50 21.33 -24.79
C GLY B 169 -3.25 22.70 -25.39
N PRO B 170 -2.21 23.41 -24.92
CA PRO B 170 -1.92 24.77 -25.41
C PRO B 170 -1.68 24.84 -26.94
N GLU B 171 -1.21 23.75 -27.53
CA GLU B 171 -0.80 23.78 -28.91
C GLU B 171 -1.66 22.93 -29.87
N THR B 172 -2.74 22.34 -29.36
CA THR B 172 -3.59 21.50 -30.21
C THR B 172 -3.95 22.25 -31.49
N ILE B 173 -3.74 21.62 -32.64
CA ILE B 173 -4.20 22.21 -33.92
C ILE B 173 -5.71 22.42 -33.88
N GLY B 174 -6.20 23.41 -34.64
CA GLY B 174 -7.61 23.74 -34.66
C GLY B 174 -8.41 23.14 -35.82
N THR B 175 -7.83 23.16 -37.01
CA THR B 175 -8.58 22.91 -38.24
C THR B 175 -8.05 21.68 -38.97
N ALA B 176 -8.89 21.12 -39.84
CA ALA B 176 -8.48 19.99 -40.66
C ALA B 176 -7.47 20.41 -41.72
N ALA B 177 -7.59 21.66 -42.18
CA ALA B 177 -6.57 22.26 -43.03
C ALA B 177 -5.20 22.23 -42.36
N GLU B 178 -5.20 22.29 -41.04
CA GLU B 178 -3.96 22.28 -40.26
C GLU B 178 -3.45 20.86 -40.06
N LEU B 179 -4.35 19.95 -39.71
CA LEU B 179 -4.06 18.52 -39.74
C LEU B 179 -3.29 18.15 -41.01
N GLU B 180 -3.81 18.58 -42.15
CA GLU B 180 -3.22 18.22 -43.43
C GLU B 180 -1.77 18.65 -43.57
N ARG B 181 -1.43 19.77 -42.90
CA ARG B 181 -0.06 20.31 -42.96
C ARG B 181 0.89 19.50 -42.10
N GLU B 182 0.37 18.93 -41.03
CA GLU B 182 1.13 18.06 -40.13
C GLU B 182 1.35 16.69 -40.77
N LEU B 183 0.34 16.20 -41.49
CA LEU B 183 0.44 14.93 -42.22
C LEU B 183 1.52 14.99 -43.31
N ALA B 184 1.69 16.19 -43.88
CA ALA B 184 2.69 16.44 -44.91
C ALA B 184 4.10 16.38 -44.34
N LYS B 185 4.28 16.96 -43.15
CA LYS B 185 5.55 16.88 -42.41
C LYS B 185 5.96 15.46 -42.05
N VAL B 186 4.98 14.67 -41.59
CA VAL B 186 5.16 13.27 -41.20
C VAL B 186 5.65 12.44 -42.39
N ARG B 187 5.04 12.67 -43.56
CA ARG B 187 5.46 11.98 -44.77
C ARG B 187 6.90 12.31 -45.15
N GLU B 188 7.33 13.53 -44.87
CA GLU B 188 8.71 13.95 -45.11
C GLU B 188 9.68 13.41 -44.03
N GLN B 189 9.22 13.36 -42.78
CA GLN B 189 10.05 12.95 -41.65
C GLN B 189 10.15 11.44 -41.54
N GLY B 190 9.04 10.75 -41.77
CA GLY B 190 8.96 9.32 -41.49
C GLY B 190 8.53 9.05 -40.06
N PHE B 191 8.19 10.10 -39.31
CA PHE B 191 7.64 9.99 -37.96
C PHE B 191 6.82 11.24 -37.65
N ALA B 192 6.02 11.15 -36.59
CA ALA B 192 5.24 12.28 -36.08
C ALA B 192 5.75 12.70 -34.72
N LEU B 193 5.84 14.02 -34.52
CA LEU B 193 6.17 14.61 -33.24
C LEU B 193 5.09 15.63 -32.83
N THR B 194 4.58 15.48 -31.62
CA THR B 194 3.59 16.43 -31.10
C THR B 194 4.03 16.89 -29.74
N SER B 195 3.79 18.16 -29.48
CA SER B 195 4.15 18.77 -28.22
C SER B 195 2.95 19.57 -27.74
N GLU B 196 2.44 19.25 -26.56
CA GLU B 196 1.36 20.02 -25.90
C GLU B 196 0.05 20.04 -26.69
N GLU B 197 -0.18 18.99 -27.48
CA GLU B 197 -1.41 18.89 -28.28
C GLU B 197 -2.50 18.01 -27.66
N LEU B 198 -2.10 16.88 -27.07
CA LEU B 198 -3.07 16.01 -26.39
C LEU B 198 -3.27 16.47 -24.96
N GLU B 199 -2.20 16.94 -24.35
CA GLU B 199 -2.27 17.46 -23.01
C GLU B 199 -1.15 18.43 -22.74
N LYS B 200 -1.37 19.29 -21.75
CA LYS B 200 -0.36 20.24 -21.32
C LYS B 200 0.83 19.42 -20.85
N GLY B 201 2.02 19.72 -21.36
CA GLY B 201 3.28 19.12 -20.90
C GLY B 201 3.65 17.79 -21.54
N LEU B 202 2.80 17.29 -22.43
CA LEU B 202 2.97 15.98 -23.05
C LEU B 202 3.60 16.08 -24.45
N ILE B 203 4.66 15.31 -24.68
CA ILE B 203 5.36 15.28 -25.97
C ILE B 203 5.38 13.83 -26.44
N SER B 204 5.12 13.60 -27.72
CA SER B 204 5.08 12.22 -28.23
C SER B 204 5.73 12.07 -29.59
N LEU B 205 6.35 10.91 -29.78
CA LEU B 205 6.83 10.46 -31.06
C LEU B 205 6.08 9.20 -31.45
N ALA B 206 5.85 9.00 -32.74
CA ALA B 206 5.33 7.75 -33.27
C ALA B 206 5.84 7.51 -34.68
N ALA B 207 6.14 6.25 -35.00
CA ALA B 207 6.58 5.88 -36.34
C ALA B 207 5.74 4.71 -36.86
N PRO B 208 5.39 4.72 -38.16
CA PRO B 208 4.52 3.68 -38.74
C PRO B 208 5.14 2.27 -38.82
N VAL B 209 4.30 1.26 -38.60
CA VAL B 209 4.65 -0.14 -38.80
C VAL B 209 3.92 -0.66 -40.05
N HIS B 210 4.64 -1.30 -40.95
CA HIS B 210 4.06 -1.81 -42.19
C HIS B 210 3.87 -3.32 -42.17
N ASP B 211 2.77 -3.81 -42.75
CA ASP B 211 2.62 -5.25 -42.91
C ASP B 211 3.27 -5.69 -44.24
N ALA B 212 3.17 -6.99 -44.56
CA ALA B 212 3.74 -7.54 -45.77
C ALA B 212 3.33 -6.79 -47.05
N GLY B 213 2.12 -6.21 -47.03
CA GLY B 213 1.60 -5.46 -48.16
C GLY B 213 2.09 -4.02 -48.26
N GLY B 214 2.73 -3.53 -47.20
CA GLY B 214 3.18 -2.13 -47.18
C GLY B 214 2.08 -1.22 -46.65
N THR B 215 1.04 -1.83 -46.09
CA THR B 215 -0.05 -1.14 -45.42
C THR B 215 0.38 -0.79 -43.98
N VAL B 216 0.11 0.45 -43.55
CA VAL B 216 0.45 0.88 -42.21
C VAL B 216 -0.59 0.31 -41.26
N VAL B 217 -0.19 -0.69 -40.48
CA VAL B 217 -1.11 -1.42 -39.61
C VAL B 217 -1.03 -0.96 -38.14
N GLY B 218 -0.05 -0.14 -37.83
CA GLY B 218 0.11 0.33 -36.45
C GLY B 218 1.24 1.32 -36.40
N VAL B 219 1.56 1.80 -35.19
CA VAL B 219 2.68 2.68 -34.97
C VAL B 219 3.38 2.33 -33.65
N VAL B 220 4.69 2.51 -33.63
CA VAL B 220 5.46 2.42 -32.38
C VAL B 220 5.56 3.85 -31.90
N ALA B 221 5.28 4.05 -30.62
CA ALA B 221 5.13 5.37 -30.04
C ALA B 221 5.87 5.45 -28.72
N CYS B 222 6.39 6.63 -28.40
CA CYS B 222 7.07 6.91 -27.14
C CYS B 222 6.75 8.33 -26.70
N SER B 223 6.47 8.52 -25.42
CA SER B 223 6.13 9.87 -24.93
C SER B 223 7.00 10.31 -23.79
N THR B 224 7.13 11.61 -23.63
CA THR B 224 7.82 12.17 -22.49
C THR B 224 7.07 13.37 -21.94
N SER B 225 7.57 13.88 -20.83
CA SER B 225 7.06 15.09 -20.25
C SER B 225 8.02 16.22 -20.64
N SER B 226 7.46 17.40 -20.87
CA SER B 226 8.27 18.57 -21.20
C SER B 226 9.18 19.00 -20.04
N ALA B 227 8.89 18.49 -18.84
CA ALA B 227 9.77 18.70 -17.68
C ALA B 227 11.06 17.93 -17.84
N ARG B 228 11.02 16.84 -18.62
CA ARG B 228 12.22 16.01 -18.83
C ARG B 228 13.02 16.37 -20.08
N ASN B 229 12.32 16.86 -21.12
CA ASN B 229 12.91 17.15 -22.44
C ASN B 229 12.13 18.23 -23.16
N THR B 230 12.79 18.97 -24.03
CA THR B 230 12.09 19.79 -24.98
C THR B 230 11.79 18.85 -26.15
N PRO B 231 10.81 19.20 -27.02
CA PRO B 231 10.53 18.37 -28.19
C PRO B 231 11.78 18.07 -29.04
N ALA B 232 12.61 19.08 -29.28
CA ALA B 232 13.79 18.89 -30.11
C ALA B 232 14.78 17.92 -29.46
N GLN B 233 14.97 18.05 -28.14
CA GLN B 233 15.76 17.07 -27.39
C GLN B 233 15.16 15.64 -27.48
N PHE B 234 13.86 15.54 -27.31
CA PHE B 234 13.24 14.25 -27.32
C PHE B 234 13.42 13.59 -28.69
N ARG B 235 13.19 14.36 -29.76
CA ARG B 235 13.39 13.90 -31.13
C ARG B 235 14.83 13.35 -31.35
N GLU B 236 15.84 14.15 -31.00
CA GLU B 236 17.23 13.81 -31.20
C GLU B 236 17.59 12.51 -30.49
N GLN B 237 17.11 12.39 -29.25
CA GLN B 237 17.38 11.23 -28.39
C GLN B 237 16.65 9.94 -28.76
N ALA B 238 15.35 10.07 -28.97
CA ALA B 238 14.44 8.92 -29.01
C ALA B 238 14.08 8.46 -30.41
N VAL B 239 14.13 9.37 -31.39
CA VAL B 239 13.80 9.04 -32.78
C VAL B 239 14.57 7.82 -33.28
N PRO B 240 15.91 7.81 -33.13
CA PRO B 240 16.61 6.64 -33.67
C PRO B 240 16.03 5.28 -33.23
N CYS B 241 15.75 5.11 -31.93
CA CYS B 241 15.31 3.78 -31.46
C CYS B 241 13.84 3.52 -31.77
N VAL B 242 13.05 4.59 -31.89
CA VAL B 242 11.62 4.47 -32.25
C VAL B 242 11.52 4.01 -33.71
N LEU B 243 12.31 4.63 -34.59
CA LEU B 243 12.34 4.20 -36.00
C LEU B 243 12.93 2.79 -36.14
N ALA B 244 13.95 2.47 -35.36
CA ALA B 244 14.56 1.14 -35.45
C ALA B 244 13.59 0.07 -34.96
N ALA B 245 12.76 0.39 -33.96
CA ALA B 245 11.77 -0.57 -33.44
C ALA B 245 10.67 -0.85 -34.45
N ALA B 246 10.14 0.22 -35.05
CA ALA B 246 9.13 0.11 -36.08
C ALA B 246 9.65 -0.66 -37.29
N ALA B 247 10.89 -0.39 -37.71
CA ALA B 247 11.51 -1.11 -38.83
C ALA B 247 11.61 -2.61 -38.57
N ALA B 248 12.06 -2.98 -37.37
CA ALA B 248 12.20 -4.39 -37.00
C ALA B 248 10.83 -5.04 -36.93
N LEU B 249 9.91 -4.41 -36.22
CA LEU B 249 8.53 -4.87 -36.17
C LEU B 249 7.93 -5.08 -37.58
N SER B 250 8.18 -4.15 -38.50
CA SER B 250 7.74 -4.30 -39.89
C SER B 250 8.35 -5.53 -40.55
N ALA B 251 9.66 -5.71 -40.39
CA ALA B 251 10.34 -6.92 -40.85
C ALA B 251 9.69 -8.18 -40.28
N ASP B 252 9.42 -8.17 -38.96
CA ASP B 252 8.72 -9.26 -38.29
C ASP B 252 7.41 -9.65 -38.99
N MSE B 253 6.72 -8.63 -39.53
CA MSE B 253 5.45 -8.83 -40.26
C MSE B 253 5.63 -9.22 -41.72
O MSE B 253 4.65 -9.48 -42.44
CB MSE B 253 4.58 -7.57 -40.17
CG MSE B 253 4.11 -7.19 -38.74
SE MSE B 253 3.09 -8.57 -37.75
CE MSE B 253 4.52 -9.46 -36.78
N GLY B 254 6.88 -9.26 -42.18
CA GLY B 254 7.20 -9.62 -43.56
C GLY B 254 7.18 -8.46 -44.54
N PHE B 255 7.51 -7.27 -44.05
CA PHE B 255 7.60 -6.10 -44.92
C PHE B 255 9.00 -5.98 -45.53
N ALA B 256 9.05 -5.61 -46.81
CA ALA B 256 10.31 -5.45 -47.56
C ALA B 256 10.41 -4.07 -48.21
N ILE C 10 -22.04 11.48 34.74
CA ILE C 10 -21.29 10.93 35.87
C ILE C 10 -20.11 11.82 36.24
N GLN C 11 -20.31 12.69 37.23
CA GLN C 11 -19.30 13.71 37.58
C GLN C 11 -17.95 13.10 37.95
N SER C 12 -17.97 11.84 38.46
CA SER C 12 -16.77 11.22 39.03
C SER C 12 -15.80 10.57 38.02
N ILE C 13 -16.29 10.28 36.82
CA ILE C 13 -15.43 9.84 35.73
C ILE C 13 -14.57 10.99 35.22
N GLU C 14 -15.18 12.17 35.12
CA GLU C 14 -14.46 13.38 34.76
C GLU C 14 -13.41 13.73 35.82
N ARG C 15 -13.78 13.55 37.08
CA ARG C 15 -12.86 13.81 38.19
C ARG C 15 -11.69 12.83 38.19
N GLY C 16 -11.95 11.57 37.82
CA GLY C 16 -10.92 10.53 37.73
C GLY C 16 -9.90 10.81 36.63
N PHE C 17 -10.39 11.20 35.47
CA PHE C 17 -9.54 11.65 34.38
C PHE C 17 -8.78 12.93 34.75
N ALA C 18 -9.45 13.85 35.44
CA ALA C 18 -8.84 15.10 35.89
C ALA C 18 -7.63 14.83 36.79
N VAL C 19 -7.75 13.82 37.64
CA VAL C 19 -6.63 13.40 38.51
C VAL C 19 -5.52 12.74 37.70
N LEU C 20 -5.87 11.79 36.82
CA LEU C 20 -4.91 11.16 35.90
C LEU C 20 -4.14 12.16 35.04
N LEU C 21 -4.85 13.15 34.51
CA LEU C 21 -4.25 14.13 33.62
C LEU C 21 -3.45 15.19 34.37
N ALA C 22 -3.50 15.16 35.71
CA ALA C 22 -2.74 16.10 36.53
C ALA C 22 -1.27 15.70 36.61
N PHE C 23 -0.99 14.44 36.27
CA PHE C 23 0.39 13.94 36.12
C PHE C 23 0.94 14.38 34.77
N ASP C 24 2.08 15.05 34.80
CA ASP C 24 2.72 15.54 33.58
C ASP C 24 4.18 15.91 33.81
N ALA C 25 4.79 16.61 32.84
CA ALA C 25 6.19 17.04 32.95
C ALA C 25 6.45 17.94 34.16
N GLN C 26 5.46 18.77 34.50
CA GLN C 26 5.54 19.67 35.68
C GLN C 26 5.21 18.97 37.01
N ARG C 27 4.26 18.02 36.96
CA ARG C 27 3.92 17.18 38.11
C ARG C 27 4.24 15.70 37.84
N PRO C 28 5.55 15.34 37.76
CA PRO C 28 5.86 13.92 37.48
C PRO C 28 5.57 12.98 38.64
N ASN C 29 5.88 13.42 39.86
CA ASN C 29 5.74 12.63 41.08
C ASN C 29 5.15 13.49 42.22
N PRO C 30 3.90 13.98 42.05
CA PRO C 30 3.41 15.02 42.96
C PRO C 30 2.79 14.47 44.24
N THR C 31 2.58 15.36 45.22
CA THR C 31 1.84 15.02 46.43
C THR C 31 0.33 15.05 46.15
N LEU C 32 -0.46 14.57 47.12
CA LEU C 32 -1.91 14.63 47.04
C LEU C 32 -2.37 16.08 46.92
N ALA C 33 -1.82 16.95 47.78
CA ALA C 33 -2.14 18.38 47.80
C ALA C 33 -1.91 19.07 46.46
N GLU C 34 -0.84 18.67 45.76
CA GLU C 34 -0.51 19.22 44.44
C GLU C 34 -1.50 18.74 43.37
N LEU C 35 -1.86 17.46 43.42
CA LEU C 35 -2.87 16.88 42.51
C LEU C 35 -4.26 17.47 42.74
N ALA C 36 -4.62 17.63 44.01
CA ALA C 36 -5.93 18.19 44.39
C ALA C 36 -6.07 19.67 44.00
N THR C 37 -4.93 20.38 43.96
CA THR C 37 -4.87 21.76 43.49
C THR C 37 -5.02 21.79 41.97
N GLU C 38 -4.37 20.86 41.28
CA GLU C 38 -4.39 20.84 39.82
C GLU C 38 -5.77 20.46 39.29
N ALA C 39 -6.35 19.40 39.86
CA ALA C 39 -7.64 18.91 39.41
C ALA C 39 -8.77 19.85 39.86
N GLY C 40 -8.50 20.65 40.88
CA GLY C 40 -9.47 21.60 41.39
C GLY C 40 -10.49 20.93 42.29
N LEU C 41 -10.01 19.97 43.10
CA LEU C 41 -10.86 19.18 44.00
C LEU C 41 -10.33 19.22 45.43
N SER C 42 -11.21 18.89 46.38
CA SER C 42 -10.82 18.72 47.78
C SER C 42 -9.91 17.51 47.93
N ARG C 43 -9.04 17.54 48.93
CA ARG C 43 -8.10 16.44 49.19
C ARG C 43 -8.77 15.10 49.57
N PRO C 44 -9.81 15.12 50.42
CA PRO C 44 -10.55 13.86 50.72
C PRO C 44 -11.13 13.14 49.50
N ALA C 45 -11.57 13.90 48.49
CA ALA C 45 -12.08 13.33 47.25
C ALA C 45 -10.94 12.72 46.44
N VAL C 46 -9.88 13.51 46.24
CA VAL C 46 -8.73 13.06 45.46
C VAL C 46 -8.07 11.82 46.09
N ARG C 47 -8.05 11.77 47.42
CA ARG C 47 -7.57 10.59 48.12
C ARG C 47 -8.38 9.35 47.75
N ARG C 48 -9.70 9.50 47.74
CA ARG C 48 -10.60 8.39 47.42
C ARG C 48 -10.39 7.92 45.98
N ILE C 49 -10.17 8.86 45.08
CA ILE C 49 -9.98 8.55 43.67
C ILE C 49 -8.64 7.86 43.43
N LEU C 50 -7.60 8.35 44.12
CA LEU C 50 -6.27 7.75 44.00
C LEU C 50 -6.23 6.31 44.50
N LEU C 51 -6.91 6.06 45.62
CA LEU C 51 -7.05 4.70 46.17
C LEU C 51 -7.78 3.75 45.23
N THR C 52 -8.73 4.29 44.43
CA THR C 52 -9.41 3.53 43.38
C THR C 52 -8.47 3.25 42.18
N LEU C 53 -7.87 4.31 41.65
CA LEU C 53 -6.92 4.19 40.54
C LEU C 53 -5.74 3.29 40.91
N GLN C 54 -5.37 3.30 42.20
CA GLN C 54 -4.31 2.41 42.69
C GLN C 54 -4.74 0.96 42.63
N LYS C 55 -5.94 0.67 43.12
CA LYS C 55 -6.50 -0.69 43.05
C LYS C 55 -6.68 -1.12 41.58
N LEU C 56 -7.07 -0.18 40.72
CA LEU C 56 -7.17 -0.45 39.28
C LEU C 56 -5.80 -0.65 38.63
N GLY C 57 -4.79 -0.05 39.28
CA GLY C 57 -3.39 -0.25 38.88
C GLY C 57 -2.84 0.85 37.99
N TYR C 58 -3.55 1.97 37.89
CA TYR C 58 -3.15 3.08 37.02
C TYR C 58 -2.25 4.09 37.73
N VAL C 59 -2.30 4.13 39.06
CA VAL C 59 -1.36 4.94 39.84
C VAL C 59 -0.67 4.11 40.92
N ALA C 60 0.51 4.56 41.33
CA ALA C 60 1.21 3.99 42.47
C ALA C 60 1.53 5.12 43.43
N GLY C 61 1.40 4.84 44.72
CA GLY C 61 1.69 5.81 45.75
C GLY C 61 2.83 5.33 46.61
N SER C 62 3.77 6.23 46.88
CA SER C 62 4.85 5.97 47.82
C SER C 62 5.37 7.26 48.42
N GLY C 63 5.44 7.29 49.75
CA GLY C 63 6.01 8.42 50.49
C GLY C 63 5.15 9.68 50.50
N GLY C 64 3.85 9.52 50.30
CA GLY C 64 2.92 10.66 50.24
C GLY C 64 2.92 11.33 48.87
N ARG C 65 3.52 10.63 47.90
CA ARG C 65 3.61 11.08 46.52
C ARG C 65 3.08 10.01 45.58
N TRP C 66 2.72 10.41 44.37
CA TRP C 66 2.04 9.50 43.43
C TRP C 66 2.63 9.55 42.02
N SER C 67 2.46 8.45 41.29
CA SER C 67 2.92 8.35 39.91
C SER C 67 1.92 7.58 39.08
N LEU C 68 1.93 7.84 37.77
CA LEU C 68 1.23 6.99 36.82
C LEU C 68 2.07 5.75 36.63
N THR C 69 1.41 4.62 36.36
CA THR C 69 2.14 3.42 36.05
C THR C 69 2.06 3.15 34.53
N PRO C 70 2.86 2.19 34.04
CA PRO C 70 2.81 1.88 32.61
C PRO C 70 1.48 1.27 32.24
N ARG C 71 0.62 1.05 33.23
CA ARG C 71 -0.62 0.31 33.00
C ARG C 71 -1.52 1.11 32.03
N VAL C 72 -1.46 2.43 32.14
CA VAL C 72 -2.24 3.32 31.30
C VAL C 72 -1.89 3.21 29.82
N LEU C 73 -0.70 2.68 29.52
CA LEU C 73 -0.27 2.43 28.13
C LEU C 73 -1.10 1.38 27.41
N SER C 74 -1.88 0.62 28.17
CA SER C 74 -2.76 -0.43 27.63
C SER C 74 -4.09 0.13 27.14
N ILE C 75 -4.50 1.28 27.66
CA ILE C 75 -5.72 1.93 27.20
C ILE C 75 -5.65 2.15 25.68
N GLY C 76 -4.48 2.52 25.18
CA GLY C 76 -4.29 2.82 23.76
C GLY C 76 -4.36 1.65 22.79
N GLN C 77 -3.87 0.48 23.20
CA GLN C 77 -3.83 -0.72 22.32
C GLN C 77 -5.21 -1.01 21.68
N HIS C 78 -6.26 -0.59 22.39
CA HIS C 78 -7.65 -0.79 21.98
C HIS C 78 -8.11 0.11 20.81
N TYR C 79 -7.17 0.84 20.20
CA TYR C 79 -7.46 1.88 19.21
C TYR C 79 -6.43 1.94 18.07
N SER C 80 -6.93 1.99 16.83
CA SER C 80 -6.07 2.23 15.66
C SER C 80 -6.30 3.65 15.15
N GLU C 81 -5.36 4.55 15.44
CA GLU C 81 -5.50 5.94 15.02
C GLU C 81 -5.38 6.09 13.52
N SER C 82 -4.59 5.20 12.93
CA SER C 82 -4.31 5.29 11.51
C SER C 82 -5.54 4.95 10.69
N HIS C 83 -6.29 3.93 11.10
CA HIS C 83 -7.58 3.61 10.46
C HIS C 83 -8.55 4.79 10.50
N ALA C 84 -8.72 5.40 11.67
CA ALA C 84 -9.59 6.56 11.85
C ALA C 84 -9.15 7.73 10.96
N LEU C 85 -7.82 7.95 10.89
CA LEU C 85 -7.22 9.03 10.10
C LEU C 85 -7.53 8.87 8.60
N ILE C 86 -7.30 7.68 8.06
CA ILE C 86 -7.65 7.34 6.66
C ILE C 86 -9.12 7.58 6.37
N GLU C 87 -9.99 7.14 7.28
CA GLU C 87 -11.43 7.24 7.06
C GLU C 87 -11.93 8.68 7.07
N ALA C 88 -11.46 9.45 8.05
CA ALA C 88 -11.77 10.87 8.12
C ALA C 88 -11.09 11.66 6.97
N ALA C 89 -9.94 11.16 6.47
CA ALA C 89 -9.20 11.88 5.41
C ALA C 89 -9.97 12.00 4.09
N MSE C 90 -10.66 10.94 3.71
CA MSE C 90 -11.28 10.80 2.38
C MSE C 90 -12.07 11.99 1.87
O MSE C 90 -11.79 12.49 0.77
CB MSE C 90 -12.11 9.51 2.26
CG MSE C 90 -11.28 8.23 2.44
SE MSE C 90 -9.73 8.20 1.25
CE MSE C 90 -10.62 8.03 -0.53
N PRO C 91 -13.08 12.46 2.64
CA PRO C 91 -13.83 13.65 2.20
C PRO C 91 -12.94 14.89 2.04
N ARG C 92 -11.95 15.03 2.92
CA ARG C 92 -11.03 16.16 2.90
C ARG C 92 -10.14 16.09 1.67
N LEU C 93 -9.68 14.88 1.34
CA LEU C 93 -8.83 14.70 0.17
C LEU C 93 -9.60 14.99 -1.11
N LEU C 94 -10.87 14.56 -1.13
CA LEU C 94 -11.74 14.83 -2.27
C LEU C 94 -11.91 16.32 -2.52
N GLU C 95 -12.03 17.11 -1.46
CA GLU C 95 -12.15 18.58 -1.57
C GLU C 95 -10.90 19.15 -2.24
N VAL C 96 -9.74 18.72 -1.78
CA VAL C 96 -8.45 19.17 -2.35
C VAL C 96 -8.34 18.81 -3.85
N ALA C 97 -8.64 17.56 -4.19
CA ALA C 97 -8.61 17.07 -5.56
C ALA C 97 -9.50 17.90 -6.50
N GLU C 98 -10.66 18.31 -5.99
CA GLU C 98 -11.62 19.12 -6.77
C GLU C 98 -11.17 20.57 -6.93
N LYS C 99 -10.55 21.15 -5.89
CA LYS C 99 -10.15 22.56 -5.95
C LYS C 99 -8.86 22.75 -6.72
N THR C 100 -7.98 21.75 -6.68
CA THR C 100 -6.67 21.88 -7.31
C THR C 100 -6.61 21.21 -8.67
N GLN C 101 -7.51 20.24 -8.90
CA GLN C 101 -7.47 19.39 -10.08
C GLN C 101 -6.21 18.52 -10.12
N GLU C 102 -5.66 18.23 -8.93
CA GLU C 102 -4.52 17.34 -8.77
C GLU C 102 -4.87 16.23 -7.77
N SER C 103 -4.28 15.05 -7.93
CA SER C 103 -4.43 13.97 -6.95
C SER C 103 -4.05 14.44 -5.56
N ALA C 104 -4.91 14.15 -4.59
CA ALA C 104 -4.64 14.51 -3.21
C ALA C 104 -4.40 13.24 -2.41
N SER C 105 -3.44 13.30 -1.48
CA SER C 105 -3.07 12.18 -0.63
C SER C 105 -2.90 12.52 0.84
N LEU C 106 -3.03 11.51 1.68
CA LEU C 106 -2.66 11.55 3.09
C LEU C 106 -1.36 10.77 3.20
N GLY C 107 -0.33 11.36 3.78
CA GLY C 107 0.90 10.64 4.00
C GLY C 107 1.14 10.43 5.47
N VAL C 108 1.77 9.31 5.83
CA VAL C 108 2.13 9.03 7.22
C VAL C 108 3.57 8.56 7.25
N LEU C 109 4.20 8.78 8.38
CA LEU C 109 5.57 8.36 8.56
C LEU C 109 5.65 6.86 8.80
N ASP C 110 6.60 6.23 8.12
CA ASP C 110 6.99 4.86 8.47
C ASP C 110 8.50 4.73 8.39
N GLY C 111 9.15 4.79 9.56
CA GLY C 111 10.61 4.87 9.63
C GLY C 111 11.16 6.08 8.89
N ALA C 112 12.00 5.85 7.89
CA ALA C 112 12.57 6.92 7.07
C ALA C 112 11.75 7.21 5.80
N ASP C 113 10.67 6.46 5.60
CA ASP C 113 9.78 6.68 4.47
C ASP C 113 8.48 7.37 4.84
N VAL C 114 7.86 7.94 3.82
CA VAL C 114 6.48 8.33 3.89
C VAL C 114 5.69 7.31 3.08
N VAL C 115 4.55 6.88 3.63
CA VAL C 115 3.62 5.99 2.94
C VAL C 115 2.42 6.81 2.47
N TYR C 116 2.01 6.62 1.22
CA TYR C 116 0.72 7.12 0.75
C TYR C 116 -0.39 6.28 1.40
N ALA C 117 -0.94 6.78 2.51
CA ALA C 117 -1.91 6.06 3.33
C ALA C 117 -3.32 6.03 2.71
N ALA C 118 -3.68 7.14 2.07
CA ALA C 118 -4.98 7.31 1.40
C ALA C 118 -4.75 8.25 0.22
N ARG C 119 -5.68 8.22 -0.71
CA ARG C 119 -5.50 8.83 -2.01
C ARG C 119 -6.82 9.07 -2.77
N VAL C 120 -6.97 10.27 -3.31
CA VAL C 120 -8.03 10.57 -4.25
C VAL C 120 -7.35 10.98 -5.56
N PRO C 121 -7.27 10.08 -6.53
CA PRO C 121 -6.57 10.40 -7.80
C PRO C 121 -7.42 11.20 -8.80
N VAL C 122 -6.78 12.06 -9.60
CA VAL C 122 -7.46 12.68 -10.75
C VAL C 122 -7.11 11.98 -12.07
N ARG C 123 -7.97 12.17 -13.05
CA ARG C 123 -7.85 11.49 -14.34
C ARG C 123 -7.06 12.35 -15.31
N ARG C 124 -5.80 11.99 -15.53
CA ARG C 124 -4.93 12.73 -16.40
C ARG C 124 -4.05 11.71 -17.09
N ILE C 125 -3.66 12.01 -18.33
CA ILE C 125 -2.62 11.24 -19.01
C ILE C 125 -1.30 11.57 -18.33
N MSE C 126 -1.32 12.56 -17.43
CA MSE C 126 -0.11 13.27 -16.96
C MSE C 126 -0.09 13.59 -15.46
O MSE C 126 0.72 14.42 -15.01
CB MSE C 126 0.02 14.57 -17.77
CG MSE C 126 1.29 15.36 -17.57
SE MSE C 126 2.78 14.98 -18.80
CE MSE C 126 3.97 16.43 -18.08
N SER C 127 -0.96 12.96 -14.68
CA SER C 127 -1.01 13.18 -13.23
C SER C 127 -0.16 12.18 -12.46
N ILE C 128 -0.33 12.19 -11.15
CA ILE C 128 0.19 11.14 -10.30
C ILE C 128 -0.92 10.13 -10.17
N ASN C 129 -0.53 8.86 -10.15
CA ASN C 129 -1.46 7.75 -10.28
C ASN C 129 -1.06 6.69 -9.26
N VAL C 130 -0.11 7.05 -8.37
CA VAL C 130 0.53 6.05 -7.50
C VAL C 130 -0.40 5.40 -6.50
N SER C 131 0.05 4.30 -5.92
CA SER C 131 -0.84 3.44 -5.19
C SER C 131 -0.78 3.79 -3.71
N VAL C 132 -1.90 3.63 -3.02
CA VAL C 132 -1.92 3.48 -1.57
C VAL C 132 -0.90 2.38 -1.25
N GLY C 133 -0.04 2.61 -0.25
CA GLY C 133 1.05 1.70 0.06
C GLY C 133 2.39 2.13 -0.52
N THR C 134 2.38 2.95 -1.56
CA THR C 134 3.61 3.52 -2.12
C THR C 134 4.38 4.26 -1.01
N ARG C 135 5.68 3.96 -0.92
CA ARG C 135 6.60 4.63 0.02
C ARG C 135 7.58 5.48 -0.73
N VAL C 136 7.85 6.67 -0.19
CA VAL C 136 8.82 7.62 -0.72
C VAL C 136 9.71 8.13 0.43
N PRO C 137 10.97 8.54 0.14
CA PRO C 137 11.89 8.96 1.18
C PRO C 137 11.44 10.21 1.88
N ALA C 138 11.49 10.22 3.21
CA ALA C 138 11.05 11.39 3.96
C ALA C 138 11.93 12.61 3.67
N TYR C 139 13.24 12.38 3.51
CA TYR C 139 14.19 13.51 3.44
C TYR C 139 13.98 14.34 2.17
N ALA C 140 13.41 13.71 1.14
CA ALA C 140 13.34 14.29 -0.20
C ALA C 140 11.97 14.83 -0.53
N THR C 141 11.04 14.82 0.42
CA THR C 141 9.65 15.11 0.06
C THR C 141 9.00 16.18 0.90
N SER C 142 8.01 16.86 0.31
CA SER C 142 7.21 17.79 1.06
C SER C 142 6.55 17.08 2.23
N MSE C 143 5.98 15.91 1.97
CA MSE C 143 5.29 15.14 3.00
C MSE C 143 6.25 14.78 4.11
O MSE C 143 5.94 14.96 5.27
CB MSE C 143 4.69 13.87 2.43
CG MSE C 143 3.61 14.10 1.39
SE MSE C 143 2.74 12.39 0.80
CE MSE C 143 4.28 11.64 -0.06
N GLY C 144 7.43 14.29 3.75
CA GLY C 144 8.45 14.00 4.76
C GLY C 144 8.76 15.22 5.63
N ARG C 145 8.97 16.36 5.00
CA ARG C 145 9.36 17.54 5.77
C ARG C 145 8.22 18.08 6.64
N ALA C 146 6.98 17.99 6.15
CA ALA C 146 5.85 18.47 6.96
C ALA C 146 5.61 17.51 8.10
N LEU C 147 5.97 16.24 7.90
CA LEU C 147 5.84 15.22 8.94
C LEU C 147 6.90 15.39 10.03
N LEU C 148 8.06 15.94 9.66
CA LEU C 148 9.21 16.07 10.56
C LEU C 148 9.41 17.45 11.21
N ALA C 149 8.87 18.51 10.61
CA ALA C 149 9.24 19.88 11.01
C ALA C 149 8.90 20.17 12.45
N TRP C 150 7.84 19.53 12.95
CA TRP C 150 7.43 19.72 14.32
C TRP C 150 7.59 18.45 15.15
N ALA C 151 8.28 17.45 14.62
CA ALA C 151 8.48 16.18 15.31
C ALA C 151 9.45 16.35 16.48
N PRO C 152 9.35 15.48 17.51
CA PRO C 152 10.40 15.54 18.53
C PRO C 152 11.79 15.30 17.91
N ALA C 153 12.83 15.83 18.55
CA ALA C 153 14.20 15.69 18.05
C ALA C 153 14.57 14.23 17.76
N ASP C 154 14.12 13.29 18.59
CA ASP C 154 14.56 11.90 18.44
C ASP C 154 14.03 11.27 17.14
N VAL C 155 12.83 11.68 16.71
CA VAL C 155 12.20 11.17 15.49
C VAL C 155 13.02 11.65 14.29
N VAL C 156 13.48 12.91 14.34
CA VAL C 156 14.29 13.47 13.25
C VAL C 156 15.64 12.75 13.12
N GLU C 157 16.30 12.55 14.26
CA GLU C 157 17.60 11.90 14.39
C GLU C 157 17.55 10.49 13.82
N ARG C 158 16.48 9.77 14.18
CA ARG C 158 16.22 8.41 13.71
C ARG C 158 15.97 8.39 12.19
N VAL C 159 15.12 9.29 11.69
CA VAL C 159 14.92 9.38 10.25
C VAL C 159 16.23 9.67 9.52
N VAL C 160 17.02 10.60 10.06
CA VAL C 160 18.30 10.95 9.44
C VAL C 160 19.22 9.73 9.42
N ALA C 161 19.29 9.00 10.53
CA ALA C 161 20.15 7.80 10.61
C ALA C 161 19.80 6.76 9.55
N GLU C 162 18.53 6.69 9.16
CA GLU C 162 18.07 5.70 8.19
C GLU C 162 17.93 6.26 6.77
N SER C 163 18.14 7.56 6.59
CA SER C 163 18.06 8.17 5.27
C SER C 163 19.37 8.03 4.46
N THR C 164 19.23 7.72 3.18
CA THR C 164 20.38 7.56 2.29
C THR C 164 20.92 8.91 1.78
N PHE C 165 20.03 9.88 1.58
CA PHE C 165 20.37 11.19 1.03
C PHE C 165 20.88 11.08 -0.41
N GLN C 166 20.47 10.03 -1.09
CA GLN C 166 20.72 9.85 -2.51
C GLN C 166 20.10 10.99 -3.31
N LYS C 167 20.83 11.49 -4.30
CA LYS C 167 20.27 12.47 -5.22
C LYS C 167 19.26 11.75 -6.13
N LEU C 168 18.06 12.31 -6.25
CA LEU C 168 16.97 11.67 -6.97
C LEU C 168 16.43 12.55 -8.07
N GLY C 169 16.63 13.86 -7.93
CA GLY C 169 16.21 14.85 -8.91
C GLY C 169 17.30 15.91 -8.97
N PRO C 170 17.16 16.91 -9.86
CA PRO C 170 18.18 17.95 -9.97
C PRO C 170 18.45 18.71 -8.68
N GLU C 171 17.51 18.74 -7.73
CA GLU C 171 17.66 19.61 -6.55
C GLU C 171 17.63 18.91 -5.18
N THR C 172 17.70 17.58 -5.17
CA THR C 172 17.56 16.83 -3.94
C THR C 172 18.62 17.29 -2.95
N ILE C 173 18.21 17.62 -1.72
CA ILE C 173 19.19 17.91 -0.65
C ILE C 173 20.07 16.68 -0.39
N GLY C 174 21.26 16.88 0.19
CA GLY C 174 22.19 15.77 0.40
C GLY C 174 22.67 15.53 1.82
N THR C 175 22.28 16.40 2.76
CA THR C 175 22.84 16.33 4.12
C THR C 175 21.79 16.59 5.20
N ALA C 176 22.05 16.11 6.42
CA ALA C 176 21.19 16.31 7.58
C ALA C 176 21.15 17.80 7.89
N ALA C 177 22.28 18.50 7.68
CA ALA C 177 22.33 19.93 7.94
C ALA C 177 21.36 20.72 7.04
N GLU C 178 21.29 20.33 5.77
CA GLU C 178 20.34 20.89 4.82
C GLU C 178 18.89 20.51 5.17
N LEU C 179 18.64 19.27 5.59
CA LEU C 179 17.31 18.88 6.01
C LEU C 179 16.82 19.80 7.17
N GLU C 180 17.62 19.95 8.23
CA GLU C 180 17.27 20.81 9.36
C GLU C 180 16.90 22.22 8.93
N ARG C 181 17.61 22.74 7.93
CA ARG C 181 17.33 24.08 7.45
C ARG C 181 15.97 24.11 6.75
N GLU C 182 15.64 23.05 6.04
CA GLU C 182 14.32 22.91 5.39
C GLU C 182 13.22 22.77 6.41
N LEU C 183 13.48 22.08 7.52
CA LEU C 183 12.48 21.93 8.59
C LEU C 183 12.19 23.29 9.21
N ALA C 184 13.24 24.09 9.44
CA ALA C 184 13.06 25.45 10.01
C ALA C 184 12.16 26.28 9.11
N LYS C 185 12.34 26.16 7.79
CA LYS C 185 11.56 26.92 6.82
C LYS C 185 10.11 26.47 6.78
N VAL C 186 9.93 25.17 6.85
CA VAL C 186 8.62 24.58 6.98
C VAL C 186 7.92 25.08 8.24
N ARG C 187 8.60 25.08 9.39
CA ARG C 187 7.99 25.58 10.65
C ARG C 187 7.56 27.02 10.51
N GLU C 188 8.31 27.79 9.74
CA GLU C 188 8.07 29.21 9.51
C GLU C 188 6.90 29.45 8.54
N GLN C 189 6.74 28.60 7.52
CA GLN C 189 5.60 28.68 6.57
C GLN C 189 4.29 28.01 7.05
N GLY C 190 4.39 26.92 7.79
CA GLY C 190 3.20 26.11 8.12
C GLY C 190 2.93 25.02 7.08
N PHE C 191 3.78 24.95 6.05
CA PHE C 191 3.64 23.91 5.03
C PHE C 191 4.97 23.68 4.36
N ALA C 192 5.12 22.55 3.68
CA ALA C 192 6.33 22.23 2.94
C ALA C 192 6.04 22.34 1.45
N LEU C 193 6.94 22.98 0.71
CA LEU C 193 6.89 23.01 -0.76
C LEU C 193 8.25 22.57 -1.27
N THR C 194 8.25 21.58 -2.16
CA THR C 194 9.48 21.09 -2.73
C THR C 194 9.24 21.00 -4.23
N SER C 195 10.31 21.18 -5.00
CA SER C 195 10.25 20.87 -6.42
C SER C 195 11.58 20.33 -6.92
N GLU C 196 11.52 19.37 -7.84
CA GLU C 196 12.71 18.76 -8.47
C GLU C 196 13.56 17.98 -7.49
N GLU C 197 13.01 17.64 -6.32
CA GLU C 197 13.81 16.89 -5.35
C GLU C 197 13.59 15.38 -5.40
N LEU C 198 12.35 14.95 -5.70
CA LEU C 198 12.05 13.52 -5.77
C LEU C 198 12.23 13.05 -7.21
N GLU C 199 11.83 13.90 -8.14
CA GLU C 199 11.99 13.56 -9.52
C GLU C 199 11.93 14.82 -10.34
N LYS C 200 12.62 14.85 -11.47
CA LYS C 200 12.59 16.01 -12.36
C LYS C 200 11.14 16.38 -12.71
N GLY C 201 10.78 17.64 -12.50
CA GLY C 201 9.47 18.15 -12.88
C GLY C 201 8.39 18.06 -11.82
N LEU C 202 8.68 17.35 -10.73
CA LEU C 202 7.68 17.11 -9.70
C LEU C 202 7.72 18.19 -8.62
N ILE C 203 6.54 18.76 -8.35
CA ILE C 203 6.37 19.86 -7.40
C ILE C 203 5.31 19.42 -6.41
N SER C 204 5.60 19.56 -5.12
CA SER C 204 4.75 18.99 -4.10
C SER C 204 4.51 19.93 -2.95
N LEU C 205 3.29 19.88 -2.44
CA LEU C 205 2.86 20.62 -1.26
C LEU C 205 2.41 19.63 -0.19
N ALA C 206 2.66 19.95 1.08
CA ALA C 206 2.14 19.15 2.18
C ALA C 206 1.98 20.03 3.39
N ALA C 207 0.90 19.79 4.12
CA ALA C 207 0.62 20.48 5.38
C ALA C 207 0.31 19.46 6.50
N PRO C 208 0.70 19.77 7.75
CA PRO C 208 0.52 18.85 8.87
C PRO C 208 -0.92 18.73 9.36
N VAL C 209 -1.25 17.51 9.79
CA VAL C 209 -2.50 17.17 10.44
C VAL C 209 -2.18 16.83 11.89
N HIS C 210 -2.86 17.50 12.81
CA HIS C 210 -2.77 17.19 14.23
C HIS C 210 -3.92 16.35 14.75
N ASP C 211 -3.68 15.62 15.83
CA ASP C 211 -4.76 15.01 16.56
C ASP C 211 -4.94 15.72 17.92
N ALA C 212 -5.86 15.20 18.74
CA ALA C 212 -6.21 15.84 20.00
C ALA C 212 -5.01 16.08 20.91
N GLY C 213 -4.06 15.14 20.93
CA GLY C 213 -2.84 15.30 21.73
C GLY C 213 -1.87 16.35 21.19
N GLY C 214 -2.08 16.79 19.96
CA GLY C 214 -1.21 17.81 19.35
C GLY C 214 -0.04 17.25 18.57
N THR C 215 0.01 15.94 18.40
CA THR C 215 1.01 15.27 17.56
C THR C 215 0.63 15.49 16.10
N VAL C 216 1.61 15.73 15.24
CA VAL C 216 1.40 15.67 13.80
C VAL C 216 1.28 14.19 13.42
N VAL C 217 0.07 13.71 13.15
CA VAL C 217 -0.12 12.28 12.82
C VAL C 217 -0.14 11.97 11.31
N GLY C 218 -0.19 13.02 10.49
CA GLY C 218 -0.32 12.84 9.06
C GLY C 218 -0.11 14.14 8.32
N VAL C 219 -0.10 14.06 7.00
CA VAL C 219 -0.09 15.25 6.15
C VAL C 219 -1.11 15.10 5.05
N VAL C 220 -1.70 16.22 4.65
CA VAL C 220 -2.50 16.28 3.43
C VAL C 220 -1.53 16.83 2.36
N ALA C 221 -1.47 16.12 1.22
CA ALA C 221 -0.48 16.45 0.20
C ALA C 221 -1.11 16.52 -1.17
N CYS C 222 -0.44 17.24 -2.06
CA CYS C 222 -0.93 17.53 -3.38
C CYS C 222 0.31 17.79 -4.24
N SER C 223 0.38 17.21 -5.44
CA SER C 223 1.51 17.49 -6.35
C SER C 223 1.05 17.92 -7.73
N THR C 224 1.93 18.64 -8.41
CA THR C 224 1.74 19.01 -9.81
C THR C 224 3.05 18.85 -10.61
N SER C 225 2.97 19.09 -11.90
CA SER C 225 4.13 19.06 -12.80
C SER C 225 4.52 20.48 -13.20
N SER C 226 5.83 20.72 -13.29
CA SER C 226 6.37 22.01 -13.70
C SER C 226 6.04 22.32 -15.17
N ALA C 227 5.60 21.30 -15.89
CA ALA C 227 5.07 21.46 -17.25
C ALA C 227 3.61 21.98 -17.23
N ARG C 228 2.97 21.93 -16.07
CA ARG C 228 1.60 22.43 -15.94
C ARG C 228 1.49 23.74 -15.17
N ASN C 229 2.34 23.88 -14.15
CA ASN C 229 2.35 25.00 -13.21
C ASN C 229 3.78 25.26 -12.75
N THR C 230 4.11 26.53 -12.54
CA THR C 230 5.34 26.86 -11.82
C THR C 230 5.10 26.59 -10.32
N PRO C 231 6.19 26.44 -9.53
CA PRO C 231 6.02 26.27 -8.07
C PRO C 231 5.22 27.40 -7.41
N ALA C 232 5.45 28.62 -7.85
CA ALA C 232 4.71 29.78 -7.32
C ALA C 232 3.22 29.78 -7.70
N GLN C 233 2.89 29.42 -8.92
CA GLN C 233 1.49 29.23 -9.31
C GLN C 233 0.81 28.13 -8.46
N PHE C 234 1.46 26.98 -8.31
CA PHE C 234 0.90 25.90 -7.51
C PHE C 234 0.68 26.30 -6.04
N ARG C 235 1.68 26.97 -5.45
CA ARG C 235 1.62 27.43 -4.08
C ARG C 235 0.43 28.38 -3.87
N GLU C 236 0.28 29.36 -4.76
CA GLU C 236 -0.82 30.32 -4.68
C GLU C 236 -2.20 29.67 -4.89
N GLN C 237 -2.33 28.78 -5.88
CA GLN C 237 -3.62 28.15 -6.16
C GLN C 237 -4.01 27.11 -5.10
N ALA C 238 -3.04 26.37 -4.58
CA ALA C 238 -3.32 25.14 -3.82
C ALA C 238 -3.13 25.20 -2.29
N VAL C 239 -2.24 26.06 -1.81
CA VAL C 239 -1.94 26.13 -0.39
C VAL C 239 -3.21 26.41 0.45
N PRO C 240 -4.02 27.45 0.08
CA PRO C 240 -5.22 27.70 0.91
C PRO C 240 -6.04 26.45 1.23
N CYS C 241 -6.45 25.70 0.20
CA CYS C 241 -7.32 24.53 0.40
C CYS C 241 -6.61 23.31 0.99
N VAL C 242 -5.30 23.25 0.85
CA VAL C 242 -4.52 22.19 1.49
C VAL C 242 -4.44 22.49 2.98
N LEU C 243 -4.18 23.75 3.31
CA LEU C 243 -4.23 24.21 4.70
C LEU C 243 -5.60 24.00 5.33
N ALA C 244 -6.66 24.31 4.58
CA ALA C 244 -8.01 24.23 5.12
C ALA C 244 -8.44 22.77 5.36
N ALA C 245 -8.08 21.89 4.43
CA ALA C 245 -8.35 20.46 4.52
C ALA C 245 -7.61 19.84 5.69
N ALA C 246 -6.35 20.26 5.90
CA ALA C 246 -5.56 19.78 7.04
C ALA C 246 -6.16 20.24 8.38
N ALA C 247 -6.66 21.48 8.43
CA ALA C 247 -7.27 22.03 9.64
C ALA C 247 -8.58 21.33 9.97
N ALA C 248 -9.37 21.01 8.94
CA ALA C 248 -10.67 20.32 9.12
C ALA C 248 -10.39 18.91 9.58
N LEU C 249 -9.41 18.28 8.94
CA LEU C 249 -9.09 16.90 9.29
C LEU C 249 -8.50 16.80 10.70
N SER C 250 -7.65 17.76 11.09
CA SER C 250 -7.15 17.83 12.47
C SER C 250 -8.33 17.99 13.45
N ALA C 251 -9.25 18.89 13.16
CA ALA C 251 -10.47 19.04 13.97
C ALA C 251 -11.24 17.73 14.03
N ASP C 252 -11.32 17.00 12.91
CA ASP C 252 -11.96 15.67 12.89
C ASP C 252 -11.28 14.77 13.91
N MSE C 253 -9.95 14.91 14.03
CA MSE C 253 -9.15 14.09 14.95
C MSE C 253 -9.10 14.65 16.38
O MSE C 253 -8.30 14.20 17.20
CB MSE C 253 -7.73 13.90 14.40
CG MSE C 253 -7.66 13.23 13.03
SE MSE C 253 -8.43 11.40 13.02
CE MSE C 253 -7.04 10.50 14.04
N GLY C 254 -9.94 15.64 16.67
CA GLY C 254 -10.05 16.19 18.03
C GLY C 254 -9.07 17.29 18.41
N PHE C 255 -8.35 17.82 17.41
CA PHE C 255 -7.41 18.91 17.64
C PHE C 255 -8.13 20.22 18.00
N ALA C 256 -7.63 20.91 19.04
CA ALA C 256 -8.29 22.12 19.55
C ALA C 256 -7.71 23.45 19.04
N GLY C 257 -6.93 23.41 17.96
CA GLY C 257 -6.28 24.61 17.43
C GLY C 257 -5.00 24.90 18.18
N ILE D 10 -14.49 3.07 44.47
CA ILE D 10 -15.51 3.76 43.68
C ILE D 10 -15.73 3.05 42.34
N GLN D 11 -16.99 2.93 41.95
CA GLN D 11 -17.40 1.90 40.99
C GLN D 11 -17.43 2.45 39.56
N SER D 12 -17.76 3.72 39.44
CA SER D 12 -17.98 4.33 38.11
C SER D 12 -16.69 4.70 37.38
N ILE D 13 -15.59 4.85 38.13
CA ILE D 13 -14.28 5.05 37.50
C ILE D 13 -13.85 3.73 36.85
N GLU D 14 -14.11 2.62 37.56
CA GLU D 14 -13.84 1.27 37.06
C GLU D 14 -14.71 0.90 35.87
N ARG D 15 -15.96 1.39 35.88
CA ARG D 15 -16.92 1.15 34.80
C ARG D 15 -16.57 2.00 33.57
N GLY D 16 -16.17 3.24 33.81
CA GLY D 16 -15.67 4.11 32.73
C GLY D 16 -14.51 3.48 31.96
N PHE D 17 -13.61 2.80 32.69
CA PHE D 17 -12.47 2.15 32.02
C PHE D 17 -12.86 0.83 31.37
N ALA D 18 -13.71 0.06 32.05
CA ALA D 18 -14.28 -1.16 31.47
C ALA D 18 -14.92 -0.89 30.10
N VAL D 19 -15.57 0.26 29.96
CA VAL D 19 -16.18 0.65 28.69
C VAL D 19 -15.12 1.00 27.65
N LEU D 20 -14.12 1.80 28.04
CA LEU D 20 -13.03 2.16 27.13
C LEU D 20 -12.28 0.92 26.63
N LEU D 21 -11.96 0.03 27.58
CA LEU D 21 -11.25 -1.21 27.28
C LEU D 21 -12.11 -2.24 26.54
N ALA D 22 -13.41 -1.99 26.45
CA ALA D 22 -14.30 -2.89 25.73
C ALA D 22 -14.13 -2.76 24.22
N PHE D 23 -13.45 -1.70 23.79
CA PHE D 23 -13.18 -1.45 22.37
C PHE D 23 -12.07 -2.33 21.79
N ASP D 24 -12.28 -2.76 20.54
CA ASP D 24 -11.35 -3.61 19.80
C ASP D 24 -10.82 -2.83 18.59
N ALA D 25 -9.49 -2.68 18.55
CA ALA D 25 -8.79 -1.91 17.51
C ALA D 25 -9.20 -2.28 16.08
N GLN D 26 -9.54 -3.56 15.89
CA GLN D 26 -9.87 -4.14 14.58
C GLN D 26 -11.32 -3.90 14.18
N ARG D 27 -12.20 -3.83 15.20
CA ARG D 27 -13.63 -3.64 15.00
C ARG D 27 -14.03 -2.30 15.64
N PRO D 28 -13.74 -1.18 14.94
CA PRO D 28 -13.65 0.15 15.54
C PRO D 28 -14.97 0.92 15.69
N ASN D 29 -16.09 0.35 15.20
CA ASN D 29 -17.36 1.08 15.24
C ASN D 29 -18.53 0.24 15.82
N PRO D 30 -18.41 -0.19 17.11
CA PRO D 30 -19.43 -1.07 17.69
C PRO D 30 -20.73 -0.35 18.07
N THR D 31 -21.83 -1.12 18.15
CA THR D 31 -23.08 -0.58 18.69
C THR D 31 -22.99 -0.57 20.21
N LEU D 32 -23.93 0.15 20.85
CA LEU D 32 -24.08 0.14 22.31
C LEU D 32 -24.12 -1.28 22.89
N ALA D 33 -24.93 -2.14 22.27
CA ALA D 33 -25.15 -3.51 22.73
C ALA D 33 -23.86 -4.34 22.73
N GLU D 34 -23.10 -4.27 21.63
CA GLU D 34 -21.83 -4.98 21.53
C GLU D 34 -20.84 -4.51 22.61
N LEU D 35 -20.88 -3.22 22.90
CA LEU D 35 -20.04 -2.63 23.94
C LEU D 35 -20.42 -3.07 25.35
N ALA D 36 -21.72 -3.05 25.64
CA ALA D 36 -22.23 -3.45 26.95
C ALA D 36 -21.97 -4.92 27.22
N THR D 37 -22.13 -5.75 26.19
CA THR D 37 -21.87 -7.19 26.30
C THR D 37 -20.39 -7.45 26.60
N GLU D 38 -19.52 -6.77 25.87
CA GLU D 38 -18.07 -6.89 26.10
C GLU D 38 -17.64 -6.37 27.47
N ALA D 39 -18.32 -5.31 27.93
CA ALA D 39 -18.05 -4.70 29.23
C ALA D 39 -18.61 -5.52 30.41
N GLY D 40 -19.59 -6.39 30.15
CA GLY D 40 -20.25 -7.15 31.19
C GLY D 40 -21.22 -6.31 32.02
N LEU D 41 -21.80 -5.29 31.38
CA LEU D 41 -22.70 -4.37 32.06
C LEU D 41 -24.10 -4.37 31.44
N SER D 42 -24.95 -3.45 31.90
CA SER D 42 -26.24 -3.22 31.25
C SER D 42 -26.10 -2.09 30.24
N ARG D 43 -27.02 -2.06 29.28
CA ARG D 43 -27.03 -1.02 28.26
C ARG D 43 -27.39 0.39 28.77
N PRO D 44 -28.40 0.51 29.68
CA PRO D 44 -28.67 1.83 30.29
C PRO D 44 -27.49 2.39 31.11
N ALA D 45 -26.73 1.49 31.75
CA ALA D 45 -25.51 1.90 32.47
C ALA D 45 -24.42 2.38 31.49
N VAL D 46 -24.14 1.58 30.46
CA VAL D 46 -23.11 1.89 29.46
C VAL D 46 -23.44 3.15 28.63
N ARG D 47 -24.72 3.33 28.32
CA ARG D 47 -25.18 4.56 27.68
C ARG D 47 -24.80 5.78 28.50
N ARG D 48 -25.19 5.78 29.77
CA ARG D 48 -24.82 6.87 30.67
C ARG D 48 -23.33 7.17 30.60
N ILE D 49 -22.52 6.11 30.58
CA ILE D 49 -21.07 6.27 30.59
C ILE D 49 -20.57 6.79 29.24
N LEU D 50 -21.03 6.16 28.16
CA LEU D 50 -20.70 6.61 26.81
C LEU D 50 -20.94 8.10 26.57
N LEU D 51 -22.13 8.57 27.01
CA LEU D 51 -22.53 9.99 26.95
C LEU D 51 -21.63 10.93 27.75
N THR D 52 -21.14 10.43 28.89
CA THR D 52 -20.19 11.16 29.74
C THR D 52 -18.83 11.23 29.03
N LEU D 53 -18.38 10.08 28.51
CA LEU D 53 -17.13 10.00 27.76
C LEU D 53 -17.16 10.83 26.48
N GLN D 54 -18.34 10.91 25.87
CA GLN D 54 -18.57 11.77 24.70
C GLN D 54 -18.35 13.25 25.06
N LYS D 55 -18.92 13.67 26.20
CA LYS D 55 -18.80 15.05 26.64
C LYS D 55 -17.36 15.40 27.03
N LEU D 56 -16.62 14.39 27.50
CA LEU D 56 -15.20 14.55 27.83
C LEU D 56 -14.29 14.43 26.60
N GLY D 57 -14.87 14.00 25.48
CA GLY D 57 -14.19 13.96 24.19
C GLY D 57 -13.46 12.67 23.87
N TYR D 58 -13.81 11.57 24.56
CA TYR D 58 -13.12 10.28 24.39
C TYR D 58 -13.80 9.33 23.40
N VAL D 59 -15.13 9.40 23.34
CA VAL D 59 -15.90 8.65 22.35
C VAL D 59 -16.80 9.56 21.50
N ALA D 60 -17.21 9.07 20.33
CA ALA D 60 -18.15 9.76 19.47
C ALA D 60 -19.30 8.80 19.12
N GLY D 61 -20.53 9.33 19.13
CA GLY D 61 -21.72 8.53 18.86
C GLY D 61 -22.46 8.97 17.62
N SER D 62 -22.79 8.00 16.76
CA SER D 62 -23.54 8.24 15.53
C SER D 62 -24.27 6.98 15.06
N GLY D 63 -25.58 7.10 14.87
CA GLY D 63 -26.41 6.01 14.32
C GLY D 63 -26.39 4.73 15.13
N GLY D 64 -26.62 4.88 16.45
CA GLY D 64 -26.59 3.72 17.35
C GLY D 64 -25.21 3.10 17.55
N ARG D 65 -24.20 3.67 16.90
CA ARG D 65 -22.83 3.17 16.99
C ARG D 65 -21.89 4.16 17.64
N TRP D 66 -20.73 3.66 18.06
CA TRP D 66 -19.77 4.45 18.85
C TRP D 66 -18.32 4.21 18.40
N SER D 67 -17.51 5.26 18.47
CA SER D 67 -16.09 5.17 18.13
C SER D 67 -15.23 5.79 19.21
N LEU D 68 -14.00 5.30 19.36
CA LEU D 68 -13.03 5.99 20.22
C LEU D 68 -12.54 7.25 19.51
N THR D 69 -12.17 8.26 20.29
CA THR D 69 -11.52 9.43 19.73
C THR D 69 -10.02 9.38 20.04
N PRO D 70 -9.19 9.99 19.17
CA PRO D 70 -7.75 10.16 19.42
C PRO D 70 -7.45 10.66 20.84
N ARG D 71 -8.42 11.33 21.46
CA ARG D 71 -8.25 11.79 22.82
C ARG D 71 -8.10 10.63 23.82
N VAL D 72 -8.47 9.41 23.39
CA VAL D 72 -8.24 8.21 24.22
C VAL D 72 -6.74 7.94 24.55
N LEU D 73 -5.84 8.40 23.68
CA LEU D 73 -4.39 8.13 23.77
C LEU D 73 -3.73 9.09 24.72
N SER D 74 -4.50 10.10 25.10
CA SER D 74 -4.07 11.16 26.00
C SER D 74 -3.59 10.67 27.37
N ILE D 75 -4.13 9.54 27.84
CA ILE D 75 -3.75 9.02 29.15
C ILE D 75 -2.32 8.47 29.10
N GLY D 76 -2.08 7.58 28.13
CA GLY D 76 -0.75 7.02 27.89
C GLY D 76 0.28 8.13 27.77
N GLN D 77 -0.08 9.19 27.06
CA GLN D 77 0.83 10.31 26.81
C GLN D 77 1.35 10.92 28.10
N HIS D 78 0.49 10.95 29.13
CA HIS D 78 0.86 11.60 30.38
C HIS D 78 1.82 10.73 31.17
N TYR D 79 1.79 9.41 30.93
CA TYR D 79 2.83 8.54 31.48
C TYR D 79 4.22 8.94 30.95
N SER D 80 4.33 9.05 29.62
CA SER D 80 5.61 9.40 28.97
C SER D 80 6.04 10.79 29.38
N GLU D 81 5.10 11.73 29.33
CA GLU D 81 5.34 13.09 29.80
C GLU D 81 5.85 13.16 31.23
N SER D 82 5.33 12.30 32.10
CA SER D 82 5.73 12.36 33.51
C SER D 82 6.99 11.56 33.81
N HIS D 83 7.47 10.81 32.81
CA HIS D 83 8.66 9.96 32.95
C HIS D 83 9.74 10.34 31.94
N ALA D 84 10.55 11.34 32.29
CA ALA D 84 11.64 11.83 31.44
C ALA D 84 12.54 10.70 30.88
N LEU D 85 12.52 9.55 31.53
CA LEU D 85 13.27 8.36 31.10
C LEU D 85 12.97 7.94 29.66
N ILE D 86 11.69 7.96 29.27
CA ILE D 86 11.26 7.58 27.93
C ILE D 86 11.95 8.43 26.86
N GLU D 87 11.83 9.76 26.97
CA GLU D 87 12.45 10.66 25.98
C GLU D 87 13.98 10.54 26.02
N ALA D 88 14.55 10.52 27.23
CA ALA D 88 15.97 10.27 27.44
C ALA D 88 16.44 8.96 26.77
N ALA D 89 15.60 7.91 26.84
CA ALA D 89 15.97 6.60 26.27
C ALA D 89 16.21 6.62 24.76
N MSE D 90 15.41 7.40 24.03
CA MSE D 90 15.38 7.33 22.56
C MSE D 90 16.77 7.30 21.86
O MSE D 90 17.07 6.35 21.13
CB MSE D 90 14.50 8.45 21.99
CG MSE D 90 13.06 8.44 22.54
SE MSE D 90 12.28 6.58 22.59
CE MSE D 90 12.17 6.18 20.66
N PRO D 91 17.62 8.33 22.10
CA PRO D 91 18.91 8.34 21.40
C PRO D 91 19.82 7.18 21.80
N ARG D 92 19.63 6.69 23.04
CA ARG D 92 20.43 5.56 23.54
C ARG D 92 19.97 4.26 22.89
N LEU D 93 18.65 4.10 22.73
CA LEU D 93 18.09 2.95 22.03
C LEU D 93 18.50 2.97 20.56
N LEU D 94 18.56 4.16 19.95
CA LEU D 94 18.99 4.27 18.56
C LEU D 94 20.44 3.77 18.39
N GLU D 95 21.33 4.12 19.31
CA GLU D 95 22.73 3.63 19.29
C GLU D 95 22.77 2.10 19.30
N VAL D 96 21.96 1.46 20.15
CA VAL D 96 21.89 -0.01 20.16
C VAL D 96 21.37 -0.56 18.81
N ALA D 97 20.27 0.02 18.32
CA ALA D 97 19.68 -0.47 17.06
C ALA D 97 20.68 -0.35 15.92
N GLU D 98 21.40 0.76 15.87
CA GLU D 98 22.37 1.03 14.78
C GLU D 98 23.53 0.04 14.80
N LYS D 99 24.07 -0.17 15.98
CA LYS D 99 25.23 -1.04 16.14
C LYS D 99 24.90 -2.51 15.86
N THR D 100 23.75 -2.98 16.38
CA THR D 100 23.35 -4.38 16.24
C THR D 100 22.50 -4.66 15.01
N GLN D 101 21.83 -3.64 14.49
CA GLN D 101 20.75 -3.84 13.51
C GLN D 101 19.69 -4.79 14.07
N GLU D 102 19.48 -4.72 15.38
CA GLU D 102 18.33 -5.38 16.03
C GLU D 102 17.52 -4.31 16.76
N SER D 103 16.18 -4.41 16.76
CA SER D 103 15.34 -3.42 17.48
C SER D 103 15.74 -3.37 18.93
N ALA D 104 15.85 -2.15 19.44
CA ALA D 104 16.19 -1.86 20.82
C ALA D 104 14.95 -1.34 21.53
N SER D 105 14.78 -1.73 22.79
CA SER D 105 13.57 -1.34 23.55
C SER D 105 13.92 -0.89 24.95
N LEU D 106 13.05 -0.02 25.51
CA LEU D 106 13.04 0.24 26.95
C LEU D 106 11.88 -0.51 27.55
N GLY D 107 12.18 -1.38 28.51
CA GLY D 107 11.14 -2.11 29.24
C GLY D 107 10.94 -1.60 30.66
N VAL D 108 9.67 -1.58 31.09
CA VAL D 108 9.36 -1.19 32.47
C VAL D 108 8.42 -2.22 33.08
N LEU D 109 8.49 -2.36 34.40
CA LEU D 109 7.69 -3.36 35.10
C LEU D 109 6.32 -2.82 35.40
N ASP D 110 5.32 -3.66 35.15
CA ASP D 110 3.95 -3.37 35.58
C ASP D 110 3.28 -4.66 36.08
N GLY D 111 3.31 -4.86 37.39
CA GLY D 111 2.82 -6.11 38.00
C GLY D 111 3.67 -7.30 37.58
N ALA D 112 3.01 -8.32 37.05
CA ALA D 112 3.69 -9.55 36.62
C ALA D 112 4.21 -9.46 35.19
N ASP D 113 3.88 -8.36 34.51
CA ASP D 113 4.32 -8.16 33.12
C ASP D 113 5.41 -7.13 32.98
N VAL D 114 6.12 -7.18 31.85
CA VAL D 114 6.92 -6.06 31.39
C VAL D 114 6.12 -5.40 30.26
N VAL D 115 6.15 -4.06 30.21
CA VAL D 115 5.62 -3.24 29.11
C VAL D 115 6.80 -2.65 28.33
N TYR D 116 6.71 -2.68 27.01
CA TYR D 116 7.59 -1.94 26.12
C TYR D 116 7.22 -0.45 26.15
N ALA D 117 8.06 0.35 26.84
CA ALA D 117 7.76 1.78 27.05
C ALA D 117 8.27 2.71 25.92
N ALA D 118 9.25 2.21 25.16
CA ALA D 118 9.87 2.93 24.05
C ALA D 118 10.55 1.90 23.15
N ARG D 119 10.63 2.21 21.86
CA ARG D 119 11.03 1.26 20.86
C ARG D 119 11.71 1.96 19.70
N VAL D 120 12.86 1.43 19.28
CA VAL D 120 13.49 1.80 18.02
C VAL D 120 13.54 0.55 17.13
N PRO D 121 12.66 0.47 16.13
CA PRO D 121 12.59 -0.71 15.28
C PRO D 121 13.63 -0.62 14.16
N VAL D 122 14.02 -1.75 13.59
CA VAL D 122 14.99 -1.76 12.48
C VAL D 122 14.34 -2.22 11.16
N ARG D 123 14.99 -1.99 10.02
CA ARG D 123 14.41 -2.52 8.78
C ARG D 123 14.75 -3.99 8.43
N ARG D 124 15.66 -4.62 9.18
CA ARG D 124 15.82 -6.10 9.17
C ARG D 124 14.39 -6.64 9.11
N ILE D 125 14.03 -7.37 8.06
CA ILE D 125 12.65 -7.89 7.92
C ILE D 125 12.23 -8.67 9.18
N MSE D 126 12.97 -9.70 9.55
CA MSE D 126 12.69 -10.48 10.76
C MSE D 126 13.28 -9.78 12.00
O MSE D 126 14.44 -10.00 12.33
CB MSE D 126 13.27 -11.90 10.67
CG MSE D 126 13.12 -12.62 9.31
SE MSE D 126 13.14 -14.62 9.45
CE MSE D 126 14.40 -14.89 11.00
N SER D 127 12.49 -8.96 12.67
CA SER D 127 12.92 -8.22 13.86
C SER D 127 11.72 -7.94 14.78
N ILE D 128 12.02 -7.47 15.98
CA ILE D 128 10.98 -7.04 16.91
C ILE D 128 10.33 -5.75 16.44
N ASN D 129 9.02 -5.80 16.23
CA ASN D 129 8.30 -4.62 15.74
C ASN D 129 7.06 -4.30 16.59
N VAL D 130 7.03 -4.79 17.83
CA VAL D 130 5.88 -4.62 18.71
C VAL D 130 5.64 -3.13 18.99
N SER D 131 4.39 -2.73 19.12
CA SER D 131 4.15 -1.35 19.45
C SER D 131 4.45 -1.10 20.93
N VAL D 132 4.72 0.16 21.24
CA VAL D 132 4.78 0.66 22.59
C VAL D 132 3.48 0.29 23.30
N GLY D 133 3.58 -0.23 24.52
CA GLY D 133 2.38 -0.65 25.27
C GLY D 133 2.18 -2.15 25.27
N THR D 134 2.92 -2.86 24.43
CA THR D 134 2.90 -4.33 24.38
C THR D 134 3.39 -4.84 25.72
N ARG D 135 2.80 -5.93 26.18
CA ARG D 135 3.11 -6.49 27.49
C ARG D 135 3.55 -7.94 27.30
N VAL D 136 4.63 -8.34 27.99
CA VAL D 136 5.12 -9.72 27.98
C VAL D 136 5.38 -10.14 29.42
N PRO D 137 5.28 -11.46 29.72
CA PRO D 137 5.44 -11.91 31.10
C PRO D 137 6.89 -11.69 31.59
N ALA D 138 7.02 -11.24 32.84
CA ALA D 138 8.32 -10.97 33.43
C ALA D 138 9.16 -12.21 33.64
N TYR D 139 8.51 -13.31 34.01
CA TYR D 139 9.22 -14.53 34.43
C TYR D 139 9.98 -15.18 33.26
N ALA D 140 9.49 -14.93 32.05
CA ALA D 140 9.96 -15.62 30.84
C ALA D 140 10.86 -14.79 29.96
N THR D 141 11.21 -13.59 30.40
CA THR D 141 11.87 -12.64 29.54
C THR D 141 13.12 -12.10 30.19
N SER D 142 14.10 -11.75 29.37
CA SER D 142 15.31 -11.05 29.80
C SER D 142 14.95 -9.72 30.45
N MSE D 143 14.03 -8.96 29.84
CA MSE D 143 13.52 -7.76 30.48
C MSE D 143 12.95 -8.03 31.87
O MSE D 143 13.32 -7.36 32.83
CB MSE D 143 12.50 -7.04 29.59
CG MSE D 143 13.11 -6.51 28.28
SE MSE D 143 11.80 -5.43 27.25
CE MSE D 143 10.25 -6.67 27.17
N GLY D 144 12.08 -9.04 31.99
CA GLY D 144 11.52 -9.40 33.30
C GLY D 144 12.59 -9.71 34.34
N ARG D 145 13.53 -10.57 34.00
CA ARG D 145 14.60 -10.95 34.95
C ARG D 145 15.52 -9.79 35.37
N ALA D 146 15.84 -8.92 34.43
CA ALA D 146 16.62 -7.71 34.73
C ALA D 146 15.77 -6.67 35.52
N LEU D 147 14.45 -6.73 35.40
CA LEU D 147 13.59 -5.83 36.18
C LEU D 147 13.25 -6.38 37.56
N LEU D 148 13.38 -7.69 37.73
CA LEU D 148 13.06 -8.36 39.01
C LEU D 148 14.28 -8.66 39.89
N ALA D 149 15.44 -8.85 39.24
CA ALA D 149 16.67 -9.21 39.95
C ALA D 149 17.03 -8.28 41.11
N TRP D 150 16.69 -6.98 40.97
CA TRP D 150 16.95 -6.00 42.04
C TRP D 150 15.64 -5.31 42.48
N ALA D 151 14.54 -6.06 42.46
CA ALA D 151 13.24 -5.50 42.78
C ALA D 151 13.00 -5.63 44.27
N PRO D 152 12.17 -4.72 44.84
CA PRO D 152 11.77 -4.94 46.23
C PRO D 152 11.27 -6.38 46.41
N ALA D 153 11.64 -7.03 47.49
CA ALA D 153 11.37 -8.45 47.66
C ALA D 153 9.87 -8.78 47.77
N ASP D 154 9.05 -7.76 48.02
CA ASP D 154 7.59 -7.94 48.04
C ASP D 154 7.10 -7.98 46.60
N VAL D 155 7.73 -7.17 45.74
CA VAL D 155 7.41 -7.17 44.32
C VAL D 155 7.75 -8.52 43.69
N VAL D 156 8.96 -9.01 43.98
CA VAL D 156 9.43 -10.31 43.48
C VAL D 156 8.52 -11.46 43.93
N GLU D 157 8.12 -11.42 45.20
CA GLU D 157 7.28 -12.46 45.80
C GLU D 157 5.92 -12.50 45.13
N ARG D 158 5.31 -11.32 44.98
CA ARG D 158 4.00 -11.18 44.39
C ARG D 158 4.03 -11.63 42.93
N VAL D 159 5.12 -11.33 42.23
CA VAL D 159 5.32 -11.79 40.86
C VAL D 159 5.44 -13.31 40.79
N VAL D 160 6.31 -13.90 41.62
CA VAL D 160 6.43 -15.38 41.64
C VAL D 160 5.04 -16.04 41.62
N ALA D 161 4.17 -15.65 42.56
CA ALA D 161 2.80 -16.20 42.68
C ALA D 161 1.91 -15.93 41.47
N GLU D 162 1.64 -14.65 41.18
CA GLU D 162 0.74 -14.28 40.08
C GLU D 162 1.29 -14.58 38.68
N SER D 163 2.55 -15.01 38.61
CA SER D 163 3.17 -15.43 37.35
C SER D 163 2.71 -16.81 36.92
N THR D 164 2.48 -16.96 35.63
CA THR D 164 1.93 -18.19 35.05
C THR D 164 2.86 -19.40 35.21
N PHE D 165 4.02 -19.34 34.57
CA PHE D 165 4.97 -20.45 34.41
C PHE D 165 4.47 -21.43 33.36
N GLN D 166 3.51 -20.94 32.57
CA GLN D 166 3.12 -21.51 31.30
C GLN D 166 4.36 -21.60 30.41
N LYS D 167 4.59 -22.78 29.84
CA LYS D 167 5.62 -22.94 28.83
C LYS D 167 5.19 -22.12 27.61
N LEU D 168 6.11 -21.28 27.14
CA LEU D 168 5.83 -20.36 26.04
C LEU D 168 6.67 -20.68 24.82
N GLY D 169 7.92 -21.07 25.05
CA GLY D 169 8.79 -21.57 24.00
C GLY D 169 9.44 -22.85 24.49
N PRO D 170 10.31 -23.45 23.66
CA PRO D 170 10.84 -24.78 24.00
C PRO D 170 11.60 -24.86 25.33
N GLU D 171 12.13 -23.73 25.81
CA GLU D 171 12.93 -23.78 27.04
C GLU D 171 12.47 -22.93 28.22
N THR D 172 11.22 -22.52 28.24
CA THR D 172 10.71 -21.70 29.33
C THR D 172 10.83 -22.43 30.68
N ILE D 173 11.54 -21.79 31.63
CA ILE D 173 11.62 -22.25 33.03
C ILE D 173 10.23 -22.56 33.61
N GLY D 174 10.15 -23.58 34.45
CA GLY D 174 8.86 -24.06 34.93
C GLY D 174 8.55 -23.77 36.39
N THR D 175 9.58 -23.48 37.18
CA THR D 175 9.37 -23.30 38.62
C THR D 175 9.91 -21.98 39.17
N ALA D 176 9.37 -21.60 40.32
CA ALA D 176 9.81 -20.42 41.05
C ALA D 176 11.28 -20.55 41.45
N ALA D 177 11.69 -21.75 41.86
CA ALA D 177 13.08 -21.97 42.29
C ALA D 177 14.07 -21.74 41.15
N GLU D 178 13.68 -22.11 39.93
CA GLU D 178 14.46 -21.82 38.72
C GLU D 178 14.54 -20.32 38.45
N LEU D 179 13.40 -19.64 38.51
CA LEU D 179 13.37 -18.18 38.40
C LEU D 179 14.31 -17.50 39.39
N GLU D 180 14.29 -17.93 40.66
CA GLU D 180 15.20 -17.37 41.68
C GLU D 180 16.66 -17.63 41.36
N ARG D 181 16.96 -18.79 40.80
CA ARG D 181 18.30 -19.08 40.33
C ARG D 181 18.70 -18.15 39.17
N GLU D 182 17.76 -17.87 38.27
CA GLU D 182 18.03 -16.99 37.15
C GLU D 182 18.22 -15.55 37.62
N LEU D 183 17.42 -15.11 38.59
CA LEU D 183 17.57 -13.78 39.17
C LEU D 183 18.95 -13.58 39.81
N ALA D 184 19.44 -14.63 40.49
CA ALA D 184 20.74 -14.58 41.16
C ALA D 184 21.86 -14.49 40.12
N LYS D 185 21.74 -15.24 39.02
CA LYS D 185 22.68 -15.12 37.88
C LYS D 185 22.68 -13.72 37.28
N VAL D 186 21.50 -13.11 37.15
CA VAL D 186 21.41 -11.75 36.63
C VAL D 186 22.14 -10.76 37.57
N ARG D 187 21.95 -10.92 38.89
CA ARG D 187 22.66 -10.09 39.88
C ARG D 187 24.18 -10.24 39.73
N GLU D 188 24.65 -11.45 39.46
CA GLU D 188 26.07 -11.72 39.27
C GLU D 188 26.63 -11.17 37.94
N GLN D 189 25.88 -11.32 36.85
CA GLN D 189 26.32 -10.86 35.52
C GLN D 189 26.15 -9.36 35.26
N GLY D 190 25.10 -8.75 35.83
CA GLY D 190 24.73 -7.38 35.49
C GLY D 190 23.80 -7.25 34.29
N PHE D 191 23.39 -8.38 33.70
CA PHE D 191 22.41 -8.41 32.59
C PHE D 191 21.71 -9.77 32.53
N ALA D 192 20.62 -9.84 31.76
CA ALA D 192 19.90 -11.10 31.57
C ALA D 192 19.93 -11.53 30.11
N LEU D 193 20.11 -12.83 29.91
CA LEU D 193 20.11 -13.40 28.59
C LEU D 193 19.11 -14.53 28.65
N THR D 194 18.17 -14.57 27.73
CA THR D 194 17.23 -15.68 27.63
C THR D 194 17.18 -16.15 26.20
N SER D 195 16.94 -17.44 26.04
CA SER D 195 16.90 -18.06 24.72
C SER D 195 15.71 -19.04 24.71
N GLU D 196 14.83 -18.91 23.73
CA GLU D 196 13.72 -19.86 23.51
C GLU D 196 12.74 -19.94 24.68
N GLU D 197 12.68 -18.90 25.51
CA GLU D 197 11.79 -18.91 26.68
C GLU D 197 10.43 -18.24 26.39
N LEU D 198 10.44 -17.19 25.58
CA LEU D 198 9.19 -16.49 25.23
C LEU D 198 8.60 -16.98 23.92
N GLU D 199 9.47 -17.23 22.95
CA GLU D 199 9.08 -17.76 21.66
C GLU D 199 10.20 -18.62 21.11
N LYS D 200 9.83 -19.61 20.29
CA LYS D 200 10.81 -20.44 19.59
C LYS D 200 11.69 -19.56 18.69
N GLY D 201 13.01 -19.68 18.85
CA GLY D 201 13.96 -18.93 18.04
C GLY D 201 14.26 -17.52 18.54
N LEU D 202 13.66 -17.12 19.63
CA LEU D 202 13.88 -15.79 20.15
C LEU D 202 14.90 -15.74 21.28
N ILE D 203 15.93 -14.93 21.08
CA ILE D 203 17.04 -14.74 22.02
C ILE D 203 17.07 -13.26 22.41
N SER D 204 17.26 -12.95 23.69
CA SER D 204 17.05 -11.60 24.20
C SER D 204 18.04 -11.25 25.28
N LEU D 205 18.44 -9.98 25.29
CA LEU D 205 19.37 -9.42 26.29
C LEU D 205 18.70 -8.22 26.91
N ALA D 206 18.94 -7.98 28.19
CA ALA D 206 18.44 -6.78 28.85
C ALA D 206 19.36 -6.41 29.99
N ALA D 207 19.56 -5.11 30.17
CA ALA D 207 20.43 -4.56 31.22
C ALA D 207 19.72 -3.43 31.95
N PRO D 208 19.92 -3.34 33.29
CA PRO D 208 19.16 -2.37 34.11
C PRO D 208 19.65 -0.94 33.96
N VAL D 209 18.70 -0.02 34.08
CA VAL D 209 18.92 1.40 33.99
C VAL D 209 18.66 1.92 35.39
N HIS D 210 19.54 2.78 35.89
CA HIS D 210 19.44 3.31 37.25
C HIS D 210 19.07 4.79 37.22
N ASP D 211 18.25 5.23 38.17
CA ASP D 211 17.98 6.67 38.31
C ASP D 211 19.07 7.34 39.17
N ALA D 212 18.94 8.65 39.43
CA ALA D 212 19.96 9.37 40.22
C ALA D 212 20.20 8.73 41.59
N GLY D 213 19.17 8.07 42.12
CA GLY D 213 19.24 7.47 43.46
C GLY D 213 19.73 6.04 43.42
N GLY D 214 20.00 5.51 42.23
CA GLY D 214 20.53 4.16 42.14
C GLY D 214 19.49 3.06 42.05
N THR D 215 18.23 3.47 41.93
CA THR D 215 17.11 2.53 41.75
C THR D 215 16.98 2.09 40.29
N VAL D 216 16.73 0.80 40.07
CA VAL D 216 16.45 0.29 38.72
C VAL D 216 15.06 0.77 38.31
N VAL D 217 14.98 1.68 37.33
CA VAL D 217 13.70 2.19 36.85
C VAL D 217 13.26 1.63 35.49
N GLY D 218 14.19 0.97 34.80
CA GLY D 218 13.87 0.36 33.51
C GLY D 218 14.99 -0.56 33.00
N VAL D 219 14.77 -1.15 31.82
CA VAL D 219 15.81 -1.95 31.16
C VAL D 219 15.93 -1.56 29.68
N VAL D 220 17.17 -1.56 29.21
CA VAL D 220 17.50 -1.46 27.80
C VAL D 220 17.58 -2.89 27.30
N ALA D 221 16.85 -3.18 26.23
CA ALA D 221 16.68 -4.55 25.71
C ALA D 221 16.94 -4.60 24.22
N CYS D 222 17.44 -5.74 23.77
CA CYS D 222 17.71 -6.01 22.37
C CYS D 222 17.52 -7.51 22.14
N SER D 223 16.93 -7.89 21.02
CA SER D 223 16.69 -9.32 20.72
C SER D 223 17.10 -9.67 19.31
N THR D 224 17.35 -10.95 19.11
CA THR D 224 17.69 -11.50 17.82
C THR D 224 16.98 -12.84 17.59
N SER D 225 17.21 -13.43 16.43
CA SER D 225 16.64 -14.70 16.09
C SER D 225 17.77 -15.70 16.10
N SER D 226 17.51 -16.91 16.60
CA SER D 226 18.50 -18.00 16.51
C SER D 226 18.88 -18.32 15.06
N ALA D 227 18.05 -17.91 14.11
CA ALA D 227 18.39 -18.02 12.70
C ALA D 227 19.59 -17.12 12.34
N ARG D 228 19.86 -16.10 13.16
CA ARG D 228 20.97 -15.19 12.88
C ARG D 228 22.18 -15.49 13.76
N ASN D 229 21.92 -15.89 15.01
CA ASN D 229 22.94 -15.97 16.03
C ASN D 229 22.63 -17.12 16.99
N THR D 230 23.67 -17.69 17.61
CA THR D 230 23.48 -18.45 18.84
C THR D 230 23.41 -17.46 20.01
N PRO D 231 22.93 -17.93 21.19
CA PRO D 231 22.91 -17.08 22.37
C PRO D 231 24.31 -16.57 22.72
N ALA D 232 25.30 -17.46 22.57
CA ALA D 232 26.69 -17.14 22.88
C ALA D 232 27.21 -16.05 21.94
N GLN D 233 27.01 -16.22 20.63
CA GLN D 233 27.39 -15.19 19.66
C GLN D 233 26.71 -13.85 19.94
N PHE D 234 25.42 -13.88 20.21
CA PHE D 234 24.64 -12.69 20.46
C PHE D 234 25.11 -11.99 21.73
N ARG D 235 25.39 -12.75 22.78
CA ARG D 235 25.93 -12.18 24.01
C ARG D 235 27.28 -11.46 23.76
N GLU D 236 28.20 -12.11 23.06
CA GLU D 236 29.50 -11.48 22.75
C GLU D 236 29.37 -10.22 21.89
N GLN D 237 28.50 -10.26 20.90
CA GLN D 237 28.35 -9.16 19.96
C GLN D 237 27.59 -8.00 20.54
N ALA D 238 26.49 -8.29 21.22
CA ALA D 238 25.55 -7.25 21.60
C ALA D 238 25.65 -6.72 23.03
N VAL D 239 26.14 -7.55 23.95
CA VAL D 239 26.18 -7.20 25.36
C VAL D 239 26.92 -5.89 25.66
N PRO D 240 28.07 -5.69 25.04
CA PRO D 240 28.76 -4.39 25.19
C PRO D 240 27.92 -3.13 24.91
N CYS D 241 27.22 -3.05 23.78
CA CYS D 241 26.52 -1.80 23.50
C CYS D 241 25.24 -1.68 24.33
N VAL D 242 24.62 -2.81 24.69
CA VAL D 242 23.43 -2.83 25.56
C VAL D 242 23.84 -2.29 26.95
N LEU D 243 24.90 -2.85 27.55
CA LEU D 243 25.41 -2.29 28.83
C LEU D 243 25.83 -0.81 28.70
N ALA D 244 26.43 -0.43 27.59
CA ALA D 244 26.92 0.93 27.42
C ALA D 244 25.75 1.87 27.30
N ALA D 245 24.72 1.42 26.59
CA ALA D 245 23.52 2.21 26.37
C ALA D 245 22.81 2.41 27.70
N ALA D 246 22.66 1.33 28.48
CA ALA D 246 21.99 1.42 29.79
C ALA D 246 22.80 2.33 30.72
N ALA D 247 24.12 2.23 30.67
CA ALA D 247 24.97 3.06 31.51
C ALA D 247 24.89 4.53 31.12
N ALA D 248 24.79 4.81 29.83
CA ALA D 248 24.77 6.21 29.40
C ALA D 248 23.42 6.81 29.74
N LEU D 249 22.36 6.03 29.57
CA LEU D 249 20.99 6.41 29.98
C LEU D 249 20.85 6.69 31.49
N SER D 250 21.43 5.82 32.32
CA SER D 250 21.49 6.06 33.75
C SER D 250 22.17 7.39 34.03
N ALA D 251 23.31 7.63 33.38
CA ALA D 251 24.03 8.89 33.56
C ALA D 251 23.15 10.07 33.13
N ASP D 252 22.34 9.85 32.10
CA ASP D 252 21.40 10.90 31.63
C ASP D 252 20.34 11.17 32.69
N MSE D 253 20.01 10.15 33.48
CA MSE D 253 19.04 10.28 34.56
C MSE D 253 19.64 10.84 35.86
O MSE D 253 18.93 11.09 36.84
CB MSE D 253 18.37 8.93 34.84
CG MSE D 253 17.53 8.40 33.69
SE MSE D 253 16.20 9.72 33.10
CE MSE D 253 15.02 9.66 34.68
N GLY D 254 20.96 11.00 35.86
CA GLY D 254 21.68 11.57 36.99
C GLY D 254 22.49 10.58 37.81
N PHE D 255 22.45 9.31 37.42
CA PHE D 255 23.21 8.25 38.12
C PHE D 255 24.73 8.47 38.04
N ALA D 256 25.42 8.25 39.16
CA ALA D 256 26.84 8.57 39.29
C ALA D 256 27.82 7.51 38.78
N GLY D 257 27.36 6.25 38.68
CA GLY D 257 28.11 5.23 37.92
C GLY D 257 28.55 4.02 38.73
#